data_3QBI
#
_entry.id   3QBI
#
_cell.length_a   153.960
_cell.length_b   97.970
_cell.length_c   100.650
_cell.angle_alpha   90.00
_cell.angle_beta   128.68
_cell.angle_gamma   90.00
#
_symmetry.space_group_name_H-M   'C 1 2 1'
#
loop_
_entity.id
_entity.type
_entity.pdbx_description
1 polymer Halorhodopsin
2 non-polymer RETINAL
3 non-polymer 'nonyl beta-D-glucopyranoside'
4 non-polymer BACTERIORUBERIN
5 water water
#
_entity_poly.entity_id   1
_entity_poly.type   'polypeptide(L)'
_entity_poly.pdbx_seq_one_letter_code
;MTETLPPVTESAVALQAEVTQRELFEFVLNDPLLASSLYINIALAGLSILLFVFMTRGLDDPRAKLIAVSTILVPVVSIA
SYTGLASGLTISVLEMPAGHFAEGSSVMLGGEEVDGVVTMWGRYLTWALSTPMILLALGLLAGSNATKLFTAITFDIAMC
VTGLAAALTTSSHLMRWFWYAISCACFIVVLYILLVEWAQDAKAAGTADIFSTLKLLTVVMWLGYPIVWALGVEGVAVLP
VGYTSWAYSALDIVAKYIFAFLLLNYLTSNEGVVSGSILDVPSASGAPADD
;
_entity_poly.pdbx_strand_id   A,B,D
#
loop_
_chem_comp.id
_chem_comp.type
_chem_comp.name
_chem_comp.formula
22B non-polymer BACTERIORUBERIN 'C50 H76 O4'
BNG D-saccharide 'nonyl beta-D-glucopyranoside' 'C15 H30 O6'
RET non-polymer RETINAL 'C20 H28 O'
#
# COMPACT_ATOMS: atom_id res chain seq x y z
N GLU A 18 21.92 6.31 -15.03
CA GLU A 18 22.52 7.67 -14.83
C GLU A 18 21.51 8.75 -15.21
N VAL A 19 20.29 8.35 -15.52
CA VAL A 19 19.27 9.31 -15.91
C VAL A 19 18.64 9.92 -14.65
N THR A 20 18.69 11.24 -14.57
CA THR A 20 18.14 11.92 -13.41
C THR A 20 16.70 12.34 -13.63
N GLN A 21 16.03 12.60 -12.53
CA GLN A 21 14.65 13.04 -12.53
C GLN A 21 14.55 14.34 -13.33
N ARG A 22 15.55 15.21 -13.16
CA ARG A 22 15.57 16.49 -13.88
C ARG A 22 15.62 16.29 -15.39
N GLU A 23 16.46 15.37 -15.86
CA GLU A 23 16.57 15.12 -17.29
C GLU A 23 15.23 14.64 -17.86
N LEU A 24 14.49 13.85 -17.07
CA LEU A 24 13.20 13.34 -17.51
C LEU A 24 12.16 14.48 -17.47
N PHE A 25 12.24 15.31 -16.44
CA PHE A 25 11.34 16.46 -16.34
C PHE A 25 11.52 17.31 -17.60
N GLU A 26 12.78 17.53 -17.99
CA GLU A 26 13.08 18.32 -19.17
C GLU A 26 12.72 17.63 -20.48
N PHE A 27 12.81 16.30 -20.50
CA PHE A 27 12.43 15.59 -21.72
C PHE A 27 10.93 15.79 -21.97
N VAL A 28 10.12 15.68 -20.92
CA VAL A 28 8.68 15.89 -21.04
C VAL A 28 8.49 17.29 -21.58
N LEU A 29 9.06 18.29 -20.88
CA LEU A 29 8.99 19.65 -21.39
C LEU A 29 9.80 19.50 -22.66
N ASN A 30 9.57 20.33 -23.67
CA ASN A 30 10.32 20.22 -24.91
C ASN A 30 9.72 19.16 -25.85
N ASP A 31 8.85 18.30 -25.32
CA ASP A 31 8.17 17.33 -26.16
C ASP A 31 6.69 17.74 -26.09
N PRO A 32 6.23 18.56 -27.06
CA PRO A 32 4.87 19.07 -27.18
C PRO A 32 3.77 18.08 -26.84
N LEU A 33 3.77 16.93 -27.51
CA LEU A 33 2.76 15.90 -27.27
C LEU A 33 2.77 15.43 -25.84
N LEU A 34 3.94 15.03 -25.38
CA LEU A 34 4.12 14.52 -24.03
C LEU A 34 3.81 15.54 -22.94
N ALA A 35 4.30 16.76 -23.08
CA ALA A 35 4.04 17.78 -22.08
C ALA A 35 2.54 18.08 -22.00
N SER A 36 1.90 18.25 -23.16
CA SER A 36 0.46 18.54 -23.18
C SER A 36 -0.41 17.43 -22.60
N SER A 37 -0.12 16.17 -22.94
CA SER A 37 -0.92 15.06 -22.42
C SER A 37 -0.87 15.04 -20.90
N LEU A 38 0.25 15.46 -20.34
CA LEU A 38 0.41 15.49 -18.89
C LEU A 38 -0.16 16.74 -18.24
N TYR A 39 0.33 17.92 -18.62
CA TYR A 39 -0.14 19.16 -18.01
C TYR A 39 -1.62 19.49 -18.23
N ILE A 40 -2.19 19.06 -19.35
CA ILE A 40 -3.62 19.31 -19.56
C ILE A 40 -4.44 18.57 -18.51
N ASN A 41 -4.06 17.34 -18.17
CA ASN A 41 -4.80 16.59 -17.17
C ASN A 41 -4.60 17.13 -15.75
N ILE A 42 -3.41 17.66 -15.47
CA ILE A 42 -3.18 18.24 -14.15
C ILE A 42 -4.21 19.38 -14.01
N ALA A 43 -4.37 20.17 -15.07
CA ALA A 43 -5.30 21.29 -15.07
C ALA A 43 -6.77 20.85 -15.03
N LEU A 44 -7.16 19.91 -15.87
CA LEU A 44 -8.55 19.42 -15.87
C LEU A 44 -8.88 18.72 -14.55
N ALA A 45 -7.92 18.01 -13.98
CA ALA A 45 -8.15 17.33 -12.71
C ALA A 45 -8.43 18.37 -11.63
N GLY A 46 -7.65 19.45 -11.61
CA GLY A 46 -7.83 20.50 -10.63
C GLY A 46 -9.16 21.22 -10.78
N LEU A 47 -9.56 21.51 -12.02
CA LEU A 47 -10.82 22.18 -12.26
C LEU A 47 -11.99 21.25 -11.91
N SER A 48 -11.80 19.96 -12.16
CA SER A 48 -12.82 18.95 -11.83
C SER A 48 -13.11 18.96 -10.34
N ILE A 49 -12.05 18.96 -9.53
CA ILE A 49 -12.17 18.96 -8.07
C ILE A 49 -12.99 20.17 -7.58
N LEU A 50 -12.64 21.36 -8.07
CA LEU A 50 -13.35 22.57 -7.66
C LEU A 50 -14.82 22.50 -8.09
N LEU A 51 -15.05 22.04 -9.31
CA LEU A 51 -16.40 21.91 -9.83
C LEU A 51 -17.21 20.87 -9.04
N PHE A 52 -16.60 19.73 -8.77
CA PHE A 52 -17.28 18.68 -8.03
C PHE A 52 -17.60 19.07 -6.58
N VAL A 53 -16.68 19.74 -5.91
CA VAL A 53 -16.91 20.17 -4.54
C VAL A 53 -18.06 21.19 -4.52
N PHE A 54 -18.09 22.06 -5.51
CA PHE A 54 -19.14 23.06 -5.63
C PHE A 54 -20.50 22.42 -5.88
N MET A 55 -20.53 21.43 -6.78
CA MET A 55 -21.77 20.71 -7.12
C MET A 55 -22.42 19.94 -5.97
N THR A 56 -21.60 19.35 -5.12
CA THR A 56 -22.07 18.52 -4.02
C THR A 56 -22.24 19.22 -2.69
N ARG A 57 -22.07 20.53 -2.68
CA ARG A 57 -22.17 21.34 -1.48
C ARG A 57 -23.47 21.18 -0.68
N GLY A 58 -24.58 20.95 -1.37
CA GLY A 58 -25.86 20.80 -0.70
C GLY A 58 -26.24 19.41 -0.19
N LEU A 59 -25.37 18.42 -0.36
CA LEU A 59 -25.66 17.06 0.11
C LEU A 59 -25.64 16.96 1.63
N ASP A 60 -26.54 16.14 2.18
CA ASP A 60 -26.64 15.94 3.62
C ASP A 60 -26.63 14.48 4.06
N ASP A 61 -27.27 13.61 3.27
CA ASP A 61 -27.32 12.20 3.63
C ASP A 61 -25.92 11.59 3.65
N PRO A 62 -25.60 10.81 4.70
CA PRO A 62 -24.27 10.20 4.77
C PRO A 62 -23.93 9.21 3.65
N ARG A 63 -24.93 8.49 3.14
CA ARG A 63 -24.65 7.55 2.07
C ARG A 63 -24.42 8.32 0.77
N ALA A 64 -25.20 9.38 0.57
CA ALA A 64 -25.06 10.21 -0.62
C ALA A 64 -23.67 10.83 -0.61
N LYS A 65 -23.26 11.31 0.55
CA LYS A 65 -21.96 11.93 0.73
C LYS A 65 -20.81 10.95 0.50
N LEU A 66 -21.00 9.70 0.86
CA LEU A 66 -19.94 8.70 0.67
C LEU A 66 -19.68 8.53 -0.83
N ILE A 67 -20.76 8.50 -1.61
CA ILE A 67 -20.67 8.36 -3.07
C ILE A 67 -19.95 9.57 -3.65
N ALA A 68 -20.29 10.75 -3.12
CA ALA A 68 -19.68 12.01 -3.56
C ALA A 68 -18.17 12.05 -3.30
N VAL A 69 -17.77 11.73 -2.07
CA VAL A 69 -16.35 11.75 -1.69
C VAL A 69 -15.53 10.73 -2.47
N SER A 70 -16.10 9.55 -2.70
CA SER A 70 -15.42 8.51 -3.46
C SER A 70 -15.15 9.04 -4.88
N THR A 71 -16.16 9.67 -5.47
CA THR A 71 -16.05 10.22 -6.82
C THR A 71 -15.04 11.36 -6.89
N ILE A 72 -15.12 12.30 -5.94
CA ILE A 72 -14.21 13.43 -5.89
C ILE A 72 -12.76 12.97 -5.72
N LEU A 73 -12.57 11.85 -5.03
CA LEU A 73 -11.23 11.32 -4.82
C LEU A 73 -10.58 10.89 -6.14
N VAL A 74 -11.40 10.67 -7.18
CA VAL A 74 -10.84 10.26 -8.48
C VAL A 74 -9.93 11.34 -9.08
N PRO A 75 -10.41 12.59 -9.20
CA PRO A 75 -9.53 13.62 -9.77
C PRO A 75 -8.46 14.10 -8.78
N VAL A 76 -8.67 13.82 -7.49
CA VAL A 76 -7.67 14.18 -6.48
C VAL A 76 -6.45 13.27 -6.72
N VAL A 77 -6.71 11.97 -6.85
CA VAL A 77 -5.66 10.99 -7.12
C VAL A 77 -4.98 11.32 -8.45
N SER A 78 -5.80 11.67 -9.43
CA SER A 78 -5.33 11.99 -10.76
C SER A 78 -4.41 13.21 -10.83
N ILE A 79 -4.74 14.27 -10.10
CA ILE A 79 -3.90 15.45 -10.15
C ILE A 79 -2.56 15.15 -9.49
N ALA A 80 -2.59 14.44 -8.37
CA ALA A 80 -1.35 14.10 -7.69
C ALA A 80 -0.49 13.18 -8.54
N SER A 81 -1.09 12.14 -9.09
CA SER A 81 -0.34 11.21 -9.90
C SER A 81 0.18 11.82 -11.21
N TYR A 82 -0.60 12.67 -11.85
CA TYR A 82 -0.12 13.27 -13.09
C TYR A 82 1.07 14.20 -12.76
N THR A 83 1.07 14.78 -11.56
CA THR A 83 2.16 15.65 -11.14
C THR A 83 3.37 14.73 -10.96
N GLY A 84 3.11 13.51 -10.50
CA GLY A 84 4.18 12.54 -10.31
C GLY A 84 4.86 12.27 -11.64
N LEU A 85 4.07 12.21 -12.70
CA LEU A 85 4.58 11.97 -14.05
C LEU A 85 5.28 13.20 -14.63
N ALA A 86 4.61 14.35 -14.58
CA ALA A 86 5.18 15.59 -15.13
C ALA A 86 6.48 16.00 -14.46
N SER A 87 6.60 15.69 -13.16
CA SER A 87 7.78 16.02 -12.37
C SER A 87 8.96 15.10 -12.69
N GLY A 88 8.66 13.91 -13.21
CA GLY A 88 9.68 12.94 -13.53
C GLY A 88 9.85 11.91 -12.42
N LEU A 89 9.14 12.12 -11.32
CA LEU A 89 9.23 11.22 -10.17
C LEU A 89 8.84 9.79 -10.47
N THR A 90 7.77 9.60 -11.24
CA THR A 90 7.30 8.25 -11.56
C THR A 90 7.53 7.83 -13.00
N ILE A 91 8.65 8.27 -13.56
CA ILE A 91 9.04 7.93 -14.93
C ILE A 91 10.45 7.35 -14.85
N SER A 92 10.72 6.33 -15.65
CA SER A 92 12.04 5.70 -15.69
C SER A 92 12.34 5.34 -17.13
N VAL A 93 13.60 5.01 -17.40
CA VAL A 93 14.01 4.60 -18.74
C VAL A 93 14.31 3.11 -18.67
N LEU A 94 13.56 2.32 -19.43
CA LEU A 94 13.75 0.87 -19.43
C LEU A 94 14.12 0.36 -20.81
N GLU A 95 14.95 -0.69 -20.82
CA GLU A 95 15.38 -1.32 -22.06
C GLU A 95 14.54 -2.57 -22.25
N MET A 96 13.82 -2.63 -23.36
CA MET A 96 12.96 -3.77 -23.62
C MET A 96 13.76 -5.03 -23.94
N PRO A 97 13.20 -6.21 -23.64
CA PRO A 97 13.85 -7.50 -23.89
C PRO A 97 13.90 -7.88 -25.36
N ALA A 98 14.72 -8.89 -25.67
CA ALA A 98 14.88 -9.36 -27.04
C ALA A 98 13.55 -9.75 -27.65
N GLY A 99 13.33 -9.38 -28.90
CA GLY A 99 12.09 -9.73 -29.55
C GLY A 99 10.98 -8.71 -29.30
N HIS A 100 11.17 -7.82 -28.34
CA HIS A 100 10.16 -6.81 -28.06
C HIS A 100 10.24 -5.80 -29.20
N PHE A 101 9.10 -5.41 -29.76
CA PHE A 101 9.08 -4.47 -30.87
C PHE A 101 9.73 -3.11 -30.59
N ALA A 102 9.97 -2.81 -29.32
CA ALA A 102 10.60 -1.54 -28.97
C ALA A 102 12.04 -1.76 -28.51
N GLU A 103 12.55 -2.98 -28.66
CA GLU A 103 13.92 -3.25 -28.23
C GLU A 103 14.91 -2.44 -29.05
N GLY A 104 16.00 -2.02 -28.43
CA GLY A 104 17.01 -1.25 -29.14
C GLY A 104 16.64 0.20 -29.44
N SER A 105 15.64 0.73 -28.75
CA SER A 105 15.24 2.12 -28.95
C SER A 105 16.17 3.05 -28.19
N SER A 106 16.21 4.31 -28.60
CA SER A 106 17.04 5.35 -27.96
C SER A 106 16.13 6.50 -27.58
N VAL A 107 16.55 7.32 -26.61
CA VAL A 107 15.71 8.42 -26.16
C VAL A 107 16.32 9.83 -26.12
N MET A 108 17.64 9.93 -26.08
CA MET A 108 18.28 11.26 -26.04
C MET A 108 17.88 12.03 -24.79
N LEU A 109 18.62 11.82 -23.71
CA LEU A 109 18.34 12.49 -22.44
C LEU A 109 19.54 13.26 -21.92
N GLY A 110 19.29 14.45 -21.39
CA GLY A 110 20.38 15.27 -20.88
C GLY A 110 21.20 15.85 -22.01
N GLY A 111 21.97 14.99 -22.65
CA GLY A 111 22.79 15.43 -23.77
C GLY A 111 23.22 14.26 -24.63
N GLU A 112 23.25 13.07 -24.05
CA GLU A 112 23.65 11.87 -24.78
C GLU A 112 22.47 11.00 -25.16
N GLU A 113 22.76 9.93 -25.89
CA GLU A 113 21.75 8.99 -26.32
C GLU A 113 21.69 7.87 -25.29
N VAL A 114 20.50 7.57 -24.80
CA VAL A 114 20.34 6.54 -23.79
C VAL A 114 19.50 5.42 -24.34
N ASP A 115 19.95 4.19 -24.14
CA ASP A 115 19.22 3.02 -24.62
C ASP A 115 17.99 2.81 -23.75
N GLY A 116 16.88 2.49 -24.40
CA GLY A 116 15.67 2.27 -23.64
C GLY A 116 14.50 3.09 -24.11
N VAL A 117 13.39 2.96 -23.40
CA VAL A 117 12.18 3.68 -23.72
C VAL A 117 11.71 4.43 -22.47
N VAL A 118 11.29 5.67 -22.65
CA VAL A 118 10.80 6.46 -21.51
C VAL A 118 9.51 5.76 -21.07
N THR A 119 9.54 5.21 -19.86
CA THR A 119 8.43 4.46 -19.30
C THR A 119 7.66 5.19 -18.21
N MET A 120 6.46 5.65 -18.54
CA MET A 120 5.64 6.37 -17.59
C MET A 120 4.85 5.41 -16.71
N TRP A 121 5.55 4.71 -15.82
CA TRP A 121 4.92 3.74 -14.96
C TRP A 121 4.03 4.36 -13.90
N GLY A 122 4.15 5.67 -13.73
CA GLY A 122 3.33 6.36 -12.76
C GLY A 122 1.84 6.22 -13.06
N ARG A 123 1.51 6.00 -14.32
CA ARG A 123 0.11 5.84 -14.70
C ARG A 123 -0.55 4.70 -13.94
N TYR A 124 0.18 3.62 -13.71
CA TYR A 124 -0.40 2.48 -12.99
C TYR A 124 -0.79 2.80 -11.55
N LEU A 125 -0.11 3.77 -10.94
CA LEU A 125 -0.43 4.18 -9.58
C LEU A 125 -1.71 5.02 -9.65
N THR A 126 -1.79 5.86 -10.68
CA THR A 126 -2.98 6.67 -10.87
C THR A 126 -4.16 5.72 -10.94
N TRP A 127 -3.97 4.60 -11.64
CA TRP A 127 -5.01 3.60 -11.83
C TRP A 127 -5.37 2.78 -10.60
N ALA A 128 -4.36 2.23 -9.94
CA ALA A 128 -4.57 1.40 -8.75
C ALA A 128 -5.25 2.12 -7.60
N LEU A 129 -5.16 3.44 -7.58
CA LEU A 129 -5.76 4.21 -6.50
C LEU A 129 -7.10 4.83 -6.88
N SER A 130 -7.27 5.14 -8.16
CA SER A 130 -8.51 5.75 -8.60
C SER A 130 -9.60 4.78 -9.04
N THR A 131 -9.20 3.69 -9.71
CA THR A 131 -10.20 2.72 -10.17
C THR A 131 -11.02 2.17 -9.01
N PRO A 132 -10.40 2.02 -7.83
CA PRO A 132 -11.17 1.49 -6.69
C PRO A 132 -12.28 2.46 -6.28
N MET A 133 -12.01 3.76 -6.43
CA MET A 133 -12.98 4.79 -6.06
C MET A 133 -14.11 4.85 -7.08
N ILE A 134 -13.77 4.61 -8.33
CA ILE A 134 -14.78 4.59 -9.37
C ILE A 134 -15.75 3.45 -9.07
N LEU A 135 -15.17 2.28 -8.81
CA LEU A 135 -15.96 1.09 -8.48
C LEU A 135 -16.78 1.25 -7.19
N LEU A 136 -16.19 1.84 -6.16
CA LEU A 136 -16.92 2.05 -4.90
C LEU A 136 -18.16 2.91 -5.18
N ALA A 137 -17.98 3.97 -5.96
CA ALA A 137 -19.07 4.87 -6.30
C ALA A 137 -20.16 4.17 -7.12
N LEU A 138 -19.77 3.38 -8.11
CA LEU A 138 -20.73 2.67 -8.95
C LEU A 138 -21.43 1.56 -8.15
N GLY A 139 -20.70 0.90 -7.26
CA GLY A 139 -21.27 -0.18 -6.46
C GLY A 139 -22.35 0.34 -5.54
N LEU A 140 -22.05 1.42 -4.84
CA LEU A 140 -23.00 2.04 -3.93
C LEU A 140 -24.21 2.55 -4.72
N LEU A 141 -23.95 3.17 -5.87
CA LEU A 141 -25.04 3.68 -6.72
C LEU A 141 -25.98 2.52 -7.08
N ALA A 142 -25.39 1.36 -7.33
CA ALA A 142 -26.16 0.18 -7.69
C ALA A 142 -26.74 -0.57 -6.49
N GLY A 143 -26.43 -0.12 -5.27
CA GLY A 143 -26.93 -0.78 -4.07
C GLY A 143 -26.30 -2.14 -3.81
N SER A 144 -25.03 -2.27 -4.16
CA SER A 144 -24.28 -3.52 -3.99
C SER A 144 -24.05 -3.94 -2.54
N ASN A 145 -23.98 -5.25 -2.30
CA ASN A 145 -23.70 -5.72 -0.95
C ASN A 145 -22.18 -5.68 -0.82
N ALA A 146 -21.67 -5.88 0.39
CA ALA A 146 -20.22 -5.84 0.64
C ALA A 146 -19.40 -6.89 -0.13
N THR A 147 -19.96 -8.07 -0.36
CA THR A 147 -19.25 -9.13 -1.06
C THR A 147 -18.79 -8.74 -2.46
N LYS A 148 -19.72 -8.26 -3.28
CA LYS A 148 -19.41 -7.87 -4.65
C LYS A 148 -18.50 -6.65 -4.69
N LEU A 149 -18.66 -5.75 -3.73
CA LEU A 149 -17.82 -4.55 -3.65
C LEU A 149 -16.39 -4.99 -3.34
N PHE A 150 -16.25 -5.90 -2.38
CA PHE A 150 -14.93 -6.40 -1.99
C PHE A 150 -14.26 -7.14 -3.15
N THR A 151 -15.04 -7.95 -3.87
CA THR A 151 -14.54 -8.71 -5.01
C THR A 151 -14.14 -7.79 -6.17
N ALA A 152 -14.97 -6.77 -6.43
CA ALA A 152 -14.68 -5.84 -7.52
C ALA A 152 -13.41 -5.03 -7.25
N ILE A 153 -13.27 -4.51 -6.04
CA ILE A 153 -12.12 -3.69 -5.67
C ILE A 153 -10.79 -4.45 -5.57
N THR A 154 -10.80 -5.65 -4.98
CA THR A 154 -9.56 -6.43 -4.86
C THR A 154 -9.03 -6.92 -6.21
N PHE A 155 -9.91 -7.41 -7.07
CA PHE A 155 -9.44 -7.87 -8.38
C PHE A 155 -9.09 -6.72 -9.30
N ASP A 156 -9.68 -5.55 -9.05
CA ASP A 156 -9.37 -4.36 -9.84
C ASP A 156 -7.95 -3.90 -9.51
N ILE A 157 -7.62 -3.92 -8.22
CA ILE A 157 -6.30 -3.53 -7.75
C ILE A 157 -5.28 -4.55 -8.27
N ALA A 158 -5.64 -5.84 -8.25
CA ALA A 158 -4.75 -6.89 -8.75
C ALA A 158 -4.50 -6.64 -10.24
N MET A 159 -5.55 -6.20 -10.94
CA MET A 159 -5.44 -5.90 -12.36
C MET A 159 -4.42 -4.79 -12.61
N CYS A 160 -4.51 -3.72 -11.82
CA CYS A 160 -3.61 -2.58 -11.98
C CYS A 160 -2.18 -2.92 -11.59
N VAL A 161 -2.01 -3.71 -10.55
CA VAL A 161 -0.69 -4.08 -10.07
C VAL A 161 0.05 -5.05 -10.99
N THR A 162 -0.68 -6.00 -11.56
CA THR A 162 -0.03 -6.95 -12.47
C THR A 162 0.27 -6.22 -13.77
N GLY A 163 -0.50 -5.16 -14.06
CA GLY A 163 -0.25 -4.38 -15.25
C GLY A 163 1.04 -3.61 -15.07
N LEU A 164 1.22 -3.03 -13.88
CA LEU A 164 2.44 -2.29 -13.55
C LEU A 164 3.66 -3.22 -13.65
N ALA A 165 3.51 -4.44 -13.17
CA ALA A 165 4.58 -5.43 -13.20
C ALA A 165 4.95 -5.77 -14.65
N ALA A 166 3.93 -5.84 -15.53
CA ALA A 166 4.16 -6.14 -16.94
C ALA A 166 5.02 -5.07 -17.61
N ALA A 167 4.72 -3.80 -17.33
CA ALA A 167 5.48 -2.68 -17.91
C ALA A 167 6.89 -2.61 -17.34
N LEU A 168 7.01 -2.95 -16.07
CA LEU A 168 8.28 -2.93 -15.35
C LEU A 168 9.19 -4.13 -15.62
N THR A 169 8.65 -5.16 -16.27
CA THR A 169 9.39 -6.38 -16.57
C THR A 169 10.25 -6.24 -17.82
N THR A 170 11.56 -6.33 -17.66
CA THR A 170 12.48 -6.16 -18.80
C THR A 170 13.31 -7.40 -19.12
N SER A 171 13.18 -8.44 -18.30
CA SER A 171 13.96 -9.66 -18.45
C SER A 171 13.55 -10.60 -19.58
N SER A 172 12.25 -10.70 -19.81
CA SER A 172 11.71 -11.61 -20.79
C SER A 172 10.47 -11.02 -21.46
N HIS A 173 10.46 -11.05 -22.79
CA HIS A 173 9.34 -10.54 -23.58
C HIS A 173 8.10 -11.36 -23.22
N LEU A 174 8.29 -12.68 -23.11
CA LEU A 174 7.19 -13.57 -22.78
C LEU A 174 6.61 -13.28 -21.39
N MET A 175 7.47 -13.01 -20.41
CA MET A 175 6.98 -12.70 -19.06
C MET A 175 6.08 -11.48 -19.08
N ARG A 176 6.44 -10.47 -19.86
CA ARG A 176 5.64 -9.25 -19.96
C ARG A 176 4.20 -9.59 -20.36
N TRP A 177 4.03 -10.36 -21.42
CA TRP A 177 2.70 -10.73 -21.86
C TRP A 177 1.96 -11.69 -20.90
N PHE A 178 2.72 -12.44 -20.10
CA PHE A 178 2.13 -13.36 -19.14
C PHE A 178 1.49 -12.52 -18.02
N TRP A 179 2.17 -11.44 -17.63
CA TRP A 179 1.62 -10.53 -16.62
C TRP A 179 0.34 -9.90 -17.19
N TYR A 180 0.41 -9.52 -18.46
CA TYR A 180 -0.71 -8.91 -19.18
C TYR A 180 -1.93 -9.81 -19.15
N ALA A 181 -1.73 -11.10 -19.41
CA ALA A 181 -2.83 -12.07 -19.43
C ALA A 181 -3.43 -12.23 -18.03
N ILE A 182 -2.58 -12.26 -17.02
CA ILE A 182 -3.08 -12.39 -15.66
C ILE A 182 -3.93 -11.15 -15.33
N SER A 183 -3.44 -9.98 -15.77
CA SER A 183 -4.17 -8.74 -15.53
C SER A 183 -5.55 -8.78 -16.20
N CYS A 184 -5.60 -9.28 -17.44
CA CYS A 184 -6.86 -9.38 -18.18
C CYS A 184 -7.86 -10.27 -17.45
N ALA A 185 -7.37 -11.36 -16.88
CA ALA A 185 -8.26 -12.27 -16.16
C ALA A 185 -8.88 -11.53 -14.97
N CYS A 186 -8.08 -10.72 -14.27
CA CYS A 186 -8.60 -9.96 -13.14
C CYS A 186 -9.65 -8.97 -13.66
N PHE A 187 -9.38 -8.39 -14.82
CA PHE A 187 -10.27 -7.43 -15.47
C PHE A 187 -11.63 -8.09 -15.75
N ILE A 188 -11.62 -9.35 -16.17
CA ILE A 188 -12.86 -10.07 -16.47
C ILE A 188 -13.78 -10.17 -15.26
N VAL A 189 -13.20 -10.24 -14.07
CA VAL A 189 -13.98 -10.32 -12.83
C VAL A 189 -14.72 -8.98 -12.65
N VAL A 190 -13.99 -7.87 -12.81
CA VAL A 190 -14.59 -6.54 -12.69
C VAL A 190 -15.72 -6.38 -13.70
N LEU A 191 -15.44 -6.70 -14.97
CA LEU A 191 -16.43 -6.59 -16.02
C LEU A 191 -17.68 -7.43 -15.74
N TYR A 192 -17.48 -8.64 -15.22
CA TYR A 192 -18.61 -9.51 -14.91
C TYR A 192 -19.51 -8.88 -13.85
N ILE A 193 -18.90 -8.35 -12.80
CA ILE A 193 -19.65 -7.71 -11.73
C ILE A 193 -20.40 -6.48 -12.26
N LEU A 194 -19.75 -5.69 -13.11
CA LEU A 194 -20.38 -4.50 -13.67
C LEU A 194 -21.53 -4.82 -14.61
N LEU A 195 -21.32 -5.78 -15.50
CA LEU A 195 -22.31 -6.16 -16.52
C LEU A 195 -23.42 -7.11 -16.08
N VAL A 196 -23.11 -8.01 -15.17
CA VAL A 196 -24.09 -8.99 -14.70
C VAL A 196 -24.68 -8.72 -13.33
N GLU A 197 -23.82 -8.60 -12.34
CA GLU A 197 -24.27 -8.41 -10.97
C GLU A 197 -24.92 -7.06 -10.64
N TRP A 198 -24.15 -5.98 -10.74
CA TRP A 198 -24.68 -4.66 -10.41
C TRP A 198 -25.78 -4.19 -11.34
N ALA A 199 -25.79 -4.69 -12.57
CA ALA A 199 -26.82 -4.31 -13.53
C ALA A 199 -28.18 -4.72 -12.94
N GLN A 200 -28.20 -5.85 -12.25
CA GLN A 200 -29.45 -6.32 -11.65
C GLN A 200 -29.71 -5.62 -10.32
N ASP A 201 -28.66 -5.42 -9.52
CA ASP A 201 -28.83 -4.77 -8.23
C ASP A 201 -29.37 -3.34 -8.36
N ALA A 202 -28.96 -2.65 -9.41
CA ALA A 202 -29.41 -1.28 -9.64
C ALA A 202 -30.92 -1.22 -9.81
N LYS A 203 -31.50 -2.26 -10.41
CA LYS A 203 -32.94 -2.31 -10.61
C LYS A 203 -33.64 -2.30 -9.24
N ALA A 204 -33.14 -3.09 -8.31
CA ALA A 204 -33.72 -3.16 -6.97
C ALA A 204 -33.41 -1.88 -6.19
N ALA A 205 -32.31 -1.21 -6.54
CA ALA A 205 -31.91 0.02 -5.85
C ALA A 205 -32.64 1.24 -6.36
N GLY A 206 -33.31 1.08 -7.49
CA GLY A 206 -34.04 2.20 -8.09
C GLY A 206 -33.14 3.13 -8.87
N THR A 207 -31.96 2.63 -9.26
CA THR A 207 -31.01 3.43 -10.00
C THR A 207 -30.61 2.79 -11.33
N ALA A 208 -31.50 1.97 -11.90
CA ALA A 208 -31.21 1.28 -13.16
C ALA A 208 -30.82 2.20 -14.32
N ASP A 209 -31.66 3.18 -14.60
CA ASP A 209 -31.41 4.10 -15.71
C ASP A 209 -30.02 4.71 -15.68
N ILE A 210 -29.69 5.39 -14.59
CA ILE A 210 -28.38 6.03 -14.48
C ILE A 210 -27.25 5.00 -14.35
N PHE A 211 -27.44 3.98 -13.53
CA PHE A 211 -26.36 3.00 -13.40
C PHE A 211 -26.03 2.32 -14.72
N SER A 212 -27.05 1.87 -15.44
CA SER A 212 -26.81 1.19 -16.71
C SER A 212 -26.01 2.10 -17.65
N THR A 213 -26.35 3.40 -17.65
CA THR A 213 -25.63 4.35 -18.49
C THR A 213 -24.16 4.48 -18.10
N LEU A 214 -23.91 4.73 -16.82
CA LEU A 214 -22.55 4.91 -16.32
C LEU A 214 -21.74 3.61 -16.37
N LYS A 215 -22.41 2.48 -16.23
CA LYS A 215 -21.76 1.19 -16.29
C LYS A 215 -21.26 0.97 -17.71
N LEU A 216 -22.11 1.26 -18.70
CA LEU A 216 -21.76 1.08 -20.09
C LEU A 216 -20.62 2.03 -20.49
N LEU A 217 -20.70 3.28 -20.04
CA LEU A 217 -19.66 4.24 -20.36
C LEU A 217 -18.34 3.74 -19.79
N THR A 218 -18.41 3.19 -18.58
CA THR A 218 -17.21 2.68 -17.90
C THR A 218 -16.62 1.47 -18.62
N VAL A 219 -17.46 0.51 -18.97
CA VAL A 219 -17.01 -0.68 -19.67
C VAL A 219 -16.34 -0.35 -20.99
N VAL A 220 -16.96 0.53 -21.77
CA VAL A 220 -16.40 0.89 -23.07
C VAL A 220 -15.03 1.56 -22.93
N MET A 221 -14.93 2.55 -22.04
CA MET A 221 -13.66 3.26 -21.85
C MET A 221 -12.57 2.37 -21.26
N TRP A 222 -12.94 1.59 -20.24
CA TRP A 222 -11.98 0.71 -19.58
C TRP A 222 -11.40 -0.29 -20.57
N LEU A 223 -12.22 -0.75 -21.51
CA LEU A 223 -11.75 -1.68 -22.53
C LEU A 223 -10.62 -1.03 -23.34
N GLY A 224 -10.67 0.29 -23.45
CA GLY A 224 -9.66 1.01 -24.19
C GLY A 224 -8.24 0.89 -23.67
N TYR A 225 -8.08 0.74 -22.36
CA TYR A 225 -6.74 0.65 -21.75
C TYR A 225 -5.88 -0.54 -22.18
N PRO A 226 -6.39 -1.78 -22.06
CA PRO A 226 -5.53 -2.89 -22.48
C PRO A 226 -5.26 -2.86 -23.99
N ILE A 227 -6.14 -2.21 -24.75
CA ILE A 227 -5.93 -2.11 -26.20
C ILE A 227 -4.77 -1.14 -26.45
N VAL A 228 -4.79 -0.01 -25.74
CA VAL A 228 -3.73 0.97 -25.88
C VAL A 228 -2.41 0.36 -25.38
N TRP A 229 -2.49 -0.47 -24.34
CA TRP A 229 -1.28 -1.09 -23.81
C TRP A 229 -0.66 -1.98 -24.89
N ALA A 230 -1.50 -2.76 -25.56
CA ALA A 230 -1.02 -3.66 -26.62
C ALA A 230 -0.50 -2.93 -27.85
N LEU A 231 -1.11 -1.79 -28.19
CA LEU A 231 -0.71 -1.02 -29.36
C LEU A 231 0.41 -0.01 -29.09
N GLY A 232 0.52 0.39 -27.83
CA GLY A 232 1.52 1.36 -27.42
C GLY A 232 2.93 0.79 -27.23
N VAL A 233 3.82 1.68 -26.85
CA VAL A 233 5.22 1.35 -26.64
C VAL A 233 5.46 0.19 -25.67
N GLU A 234 4.55 -0.05 -24.74
CA GLU A 234 4.69 -1.16 -23.79
C GLU A 234 4.43 -2.49 -24.49
N GLY A 235 3.57 -2.47 -25.51
CA GLY A 235 3.24 -3.67 -26.25
C GLY A 235 3.94 -3.78 -27.60
N VAL A 236 3.17 -3.81 -28.67
CA VAL A 236 3.72 -3.94 -30.04
C VAL A 236 4.31 -2.65 -30.59
N ALA A 237 4.19 -1.58 -29.80
CA ALA A 237 4.76 -0.28 -30.16
C ALA A 237 4.42 0.39 -31.49
N VAL A 238 3.18 0.25 -31.95
CA VAL A 238 2.80 0.92 -33.19
C VAL A 238 2.62 2.40 -32.82
N LEU A 239 2.38 2.66 -31.53
CA LEU A 239 2.22 4.02 -31.00
C LEU A 239 3.47 4.41 -30.21
N PRO A 240 4.18 5.47 -30.63
CA PRO A 240 5.39 5.87 -29.89
C PRO A 240 5.00 6.38 -28.49
N VAL A 241 6.00 6.62 -27.64
CA VAL A 241 5.79 7.08 -26.26
C VAL A 241 4.80 8.24 -26.12
N GLY A 242 5.03 9.30 -26.89
CA GLY A 242 4.16 10.46 -26.81
C GLY A 242 2.73 10.19 -27.23
N TYR A 243 2.56 9.34 -28.24
CA TYR A 243 1.23 9.01 -28.72
C TYR A 243 0.50 8.05 -27.77
N THR A 244 1.23 7.11 -27.18
CA THR A 244 0.57 6.17 -26.26
C THR A 244 0.10 6.98 -25.04
N SER A 245 0.88 7.99 -24.68
CA SER A 245 0.54 8.85 -23.54
C SER A 245 -0.76 9.62 -23.81
N TRP A 246 -0.89 10.25 -24.98
CA TRP A 246 -2.14 10.97 -25.26
C TRP A 246 -3.31 10.00 -25.38
N ALA A 247 -3.06 8.77 -25.79
CA ALA A 247 -4.14 7.79 -25.90
C ALA A 247 -4.68 7.53 -24.50
N TYR A 248 -3.76 7.34 -23.54
CA TYR A 248 -4.13 7.10 -22.14
C TYR A 248 -4.75 8.35 -21.50
N SER A 249 -4.19 9.53 -21.79
CA SER A 249 -4.73 10.78 -21.23
C SER A 249 -6.15 11.04 -21.73
N ALA A 250 -6.44 10.66 -22.97
CA ALA A 250 -7.78 10.86 -23.53
C ALA A 250 -8.77 9.91 -22.88
N LEU A 251 -8.33 8.68 -22.65
CA LEU A 251 -9.17 7.69 -22.00
C LEU A 251 -9.50 8.21 -20.58
N ASP A 252 -8.48 8.71 -19.90
CA ASP A 252 -8.66 9.24 -18.54
C ASP A 252 -9.66 10.39 -18.48
N ILE A 253 -9.58 11.32 -19.43
CA ILE A 253 -10.48 12.45 -19.43
C ILE A 253 -11.94 11.98 -19.43
N VAL A 254 -12.25 10.96 -20.22
CA VAL A 254 -13.62 10.47 -20.26
C VAL A 254 -13.96 9.54 -19.10
N ALA A 255 -13.13 8.52 -18.89
CA ALA A 255 -13.37 7.54 -17.83
C ALA A 255 -13.32 8.13 -16.39
N LYS A 256 -12.68 9.29 -16.23
CA LYS A 256 -12.60 9.92 -14.90
C LYS A 256 -13.40 11.22 -14.78
N TYR A 257 -12.92 12.30 -15.40
CA TYR A 257 -13.57 13.61 -15.29
C TYR A 257 -15.02 13.70 -15.79
N ILE A 258 -15.28 13.30 -17.03
CA ILE A 258 -16.66 13.40 -17.50
C ILE A 258 -17.52 12.34 -16.82
N PHE A 259 -16.98 11.14 -16.62
CA PHE A 259 -17.73 10.09 -15.94
C PHE A 259 -18.16 10.58 -14.54
N ALA A 260 -17.22 11.16 -13.82
CA ALA A 260 -17.51 11.65 -12.47
C ALA A 260 -18.54 12.81 -12.50
N PHE A 261 -18.40 13.67 -13.50
CA PHE A 261 -19.30 14.81 -13.67
C PHE A 261 -20.72 14.31 -13.95
N LEU A 262 -20.85 13.27 -14.76
CA LEU A 262 -22.16 12.72 -15.07
C LEU A 262 -22.77 12.06 -13.83
N LEU A 263 -21.95 11.31 -13.09
CA LEU A 263 -22.41 10.63 -11.87
C LEU A 263 -22.85 11.65 -10.80
N LEU A 264 -22.08 12.71 -10.63
CA LEU A 264 -22.43 13.74 -9.63
C LEU A 264 -23.66 14.55 -10.05
N ASN A 265 -23.83 14.73 -11.36
CA ASN A 265 -24.98 15.45 -11.87
C ASN A 265 -26.24 14.71 -11.42
N TYR A 266 -26.19 13.38 -11.50
CA TYR A 266 -27.34 12.58 -11.09
C TYR A 266 -27.51 12.62 -9.57
N LEU A 267 -26.43 12.34 -8.86
CA LEU A 267 -26.45 12.31 -7.40
C LEU A 267 -27.06 13.55 -6.76
N THR A 268 -26.66 14.71 -7.24
CA THR A 268 -27.12 15.98 -6.70
C THR A 268 -28.57 16.34 -7.03
N SER A 269 -29.19 15.54 -7.90
CA SER A 269 -30.59 15.79 -8.27
C SER A 269 -31.45 14.64 -7.75
N ASN A 270 -30.82 13.63 -7.18
CA ASN A 270 -31.55 12.46 -6.69
C ASN A 270 -31.04 11.93 -5.34
N GLU A 271 -30.60 12.83 -4.47
CA GLU A 271 -30.07 12.41 -3.16
C GLU A 271 -30.96 11.42 -2.43
N GLY A 272 -32.26 11.67 -2.44
CA GLY A 272 -33.21 10.80 -1.75
C GLY A 272 -33.21 9.36 -2.23
N VAL A 273 -32.99 9.15 -3.51
CA VAL A 273 -32.98 7.79 -4.08
C VAL A 273 -31.85 6.95 -3.51
N VAL A 274 -30.68 7.55 -3.36
CA VAL A 274 -29.52 6.82 -2.86
C VAL A 274 -29.31 7.06 -1.36
N SER A 275 -30.18 7.82 -0.73
CA SER A 275 -30.03 8.14 0.68
C SER A 275 -29.80 6.93 1.57
N GLY A 276 -30.72 5.96 1.53
CA GLY A 276 -30.56 4.76 2.35
C GLY A 276 -29.69 4.94 3.58
N SER A 277 -28.74 4.02 3.77
CA SER A 277 -27.83 4.06 4.92
C SER A 277 -26.52 3.37 4.56
N ILE A 278 -25.40 3.94 5.00
CA ILE A 278 -24.08 3.38 4.70
C ILE A 278 -24.00 1.88 4.98
N GLU B 18 23.97 -2.65 -10.55
CA GLU B 18 24.71 -3.14 -11.76
C GLU B 18 24.06 -4.40 -12.32
N VAL B 19 23.55 -5.25 -11.42
CA VAL B 19 22.91 -6.49 -11.85
C VAL B 19 21.55 -6.20 -12.47
N THR B 20 21.34 -6.67 -13.69
CA THR B 20 20.07 -6.43 -14.36
C THR B 20 19.03 -7.46 -13.99
N GLN B 21 17.78 -7.16 -14.34
CA GLN B 21 16.66 -8.03 -14.05
C GLN B 21 16.79 -9.33 -14.84
N ARG B 22 17.23 -9.21 -16.10
CA ARG B 22 17.39 -10.37 -16.97
C ARG B 22 18.43 -11.34 -16.39
N GLU B 23 19.49 -10.80 -15.81
CA GLU B 23 20.53 -11.63 -15.22
C GLU B 23 20.01 -12.43 -14.02
N LEU B 24 19.08 -11.86 -13.27
CA LEU B 24 18.51 -12.56 -12.13
C LEU B 24 17.51 -13.60 -12.65
N PHE B 25 16.79 -13.20 -13.69
CA PHE B 25 15.81 -14.08 -14.33
C PHE B 25 16.53 -15.31 -14.87
N GLU B 26 17.72 -15.10 -15.42
CA GLU B 26 18.53 -16.19 -15.96
C GLU B 26 19.14 -17.01 -14.84
N PHE B 27 19.49 -16.33 -13.75
CA PHE B 27 20.08 -17.01 -12.59
C PHE B 27 19.06 -18.02 -12.05
N VAL B 28 17.80 -17.60 -11.96
CA VAL B 28 16.75 -18.48 -11.47
C VAL B 28 16.64 -19.67 -12.42
N LEU B 29 16.56 -19.38 -13.72
CA LEU B 29 16.52 -20.47 -14.70
C LEU B 29 17.94 -21.01 -14.61
N ASN B 30 18.24 -22.06 -15.37
CA ASN B 30 19.60 -22.59 -15.34
C ASN B 30 20.03 -23.12 -13.97
N ASP B 31 19.12 -23.07 -13.01
CA ASP B 31 19.37 -23.59 -11.67
C ASP B 31 18.13 -24.40 -11.31
N PRO B 32 18.15 -25.71 -11.61
CA PRO B 32 17.06 -26.66 -11.36
C PRO B 32 16.31 -26.49 -10.04
N LEU B 33 17.04 -26.42 -8.93
CA LEU B 33 16.42 -26.24 -7.61
C LEU B 33 15.58 -24.98 -7.56
N LEU B 34 16.28 -23.85 -7.63
CA LEU B 34 15.68 -22.53 -7.58
C LEU B 34 14.49 -22.36 -8.54
N ALA B 35 14.71 -22.68 -9.81
CA ALA B 35 13.67 -22.56 -10.82
C ALA B 35 12.47 -23.45 -10.52
N SER B 36 12.72 -24.70 -10.12
CA SER B 36 11.63 -25.62 -9.83
C SER B 36 10.79 -25.15 -8.65
N SER B 37 11.42 -24.49 -7.68
CA SER B 37 10.68 -24.02 -6.52
C SER B 37 9.84 -22.79 -6.87
N LEU B 38 10.13 -22.18 -8.01
CA LEU B 38 9.41 -20.99 -8.44
C LEU B 38 8.34 -21.28 -9.49
N TYR B 39 8.74 -21.93 -10.58
CA TYR B 39 7.78 -22.22 -11.64
C TYR B 39 6.74 -23.26 -11.25
N ILE B 40 7.04 -24.09 -10.27
CA ILE B 40 6.09 -25.10 -9.82
C ILE B 40 4.96 -24.42 -9.07
N ASN B 41 5.30 -23.45 -8.23
CA ASN B 41 4.27 -22.73 -7.48
C ASN B 41 3.46 -21.84 -8.42
N ILE B 42 4.05 -21.38 -9.52
CA ILE B 42 3.31 -20.58 -10.48
C ILE B 42 2.21 -21.47 -11.07
N ALA B 43 2.61 -22.67 -11.50
CA ALA B 43 1.68 -23.63 -12.08
C ALA B 43 0.66 -24.10 -11.03
N LEU B 44 1.13 -24.45 -9.83
CA LEU B 44 0.22 -24.91 -8.80
C LEU B 44 -0.79 -23.84 -8.41
N ALA B 45 -0.33 -22.59 -8.34
CA ALA B 45 -1.21 -21.47 -8.00
C ALA B 45 -2.27 -21.33 -9.11
N GLY B 46 -1.81 -21.27 -10.36
CA GLY B 46 -2.71 -21.13 -11.48
C GLY B 46 -3.79 -22.20 -11.47
N LEU B 47 -3.39 -23.44 -11.24
CA LEU B 47 -4.34 -24.53 -11.20
C LEU B 47 -5.27 -24.41 -9.99
N SER B 48 -4.73 -23.93 -8.86
CA SER B 48 -5.57 -23.77 -7.66
C SER B 48 -6.67 -22.74 -7.89
N ILE B 49 -6.38 -21.71 -8.67
CA ILE B 49 -7.38 -20.69 -8.94
C ILE B 49 -8.50 -21.29 -9.76
N LEU B 50 -8.12 -21.95 -10.84
CA LEU B 50 -9.09 -22.59 -11.72
C LEU B 50 -9.91 -23.62 -10.94
N LEU B 51 -9.28 -24.29 -9.98
CA LEU B 51 -9.95 -25.30 -9.16
C LEU B 51 -10.86 -24.69 -8.10
N PHE B 52 -10.38 -23.66 -7.42
CA PHE B 52 -11.19 -23.03 -6.37
C PHE B 52 -12.43 -22.35 -6.94
N VAL B 53 -12.27 -21.67 -8.08
CA VAL B 53 -13.40 -20.99 -8.71
C VAL B 53 -14.44 -22.03 -9.09
N PHE B 54 -14.00 -23.11 -9.72
CA PHE B 54 -14.88 -24.19 -10.13
C PHE B 54 -15.62 -24.78 -8.93
N MET B 55 -14.87 -25.02 -7.84
CA MET B 55 -15.41 -25.60 -6.62
C MET B 55 -16.53 -24.78 -5.97
N THR B 56 -16.40 -23.47 -6.03
CA THR B 56 -17.34 -22.57 -5.40
C THR B 56 -18.42 -21.98 -6.30
N ARG B 57 -18.49 -22.45 -7.55
CA ARG B 57 -19.47 -21.93 -8.49
C ARG B 57 -20.91 -22.11 -8.04
N GLY B 58 -21.13 -23.01 -7.09
CA GLY B 58 -22.48 -23.26 -6.61
C GLY B 58 -22.93 -22.47 -5.41
N LEU B 59 -22.04 -21.65 -4.85
CA LEU B 59 -22.37 -20.84 -3.70
C LEU B 59 -23.41 -19.78 -4.03
N ASP B 60 -24.32 -19.53 -3.10
CA ASP B 60 -25.36 -18.52 -3.29
C ASP B 60 -25.37 -17.50 -2.15
N ASP B 61 -24.99 -17.93 -0.95
CA ASP B 61 -25.00 -17.01 0.18
C ASP B 61 -23.86 -15.99 0.08
N PRO B 62 -24.18 -14.70 0.26
CA PRO B 62 -23.19 -13.63 0.19
C PRO B 62 -22.04 -13.72 1.21
N ARG B 63 -22.34 -14.06 2.45
CA ARG B 63 -21.27 -14.15 3.46
C ARG B 63 -20.34 -15.31 3.12
N ALA B 64 -20.91 -16.40 2.61
CA ALA B 64 -20.12 -17.56 2.23
C ALA B 64 -19.26 -17.18 1.03
N LYS B 65 -19.84 -16.41 0.12
CA LYS B 65 -19.13 -15.97 -1.08
C LYS B 65 -17.96 -15.08 -0.72
N LEU B 66 -18.13 -14.28 0.34
CA LEU B 66 -17.07 -13.38 0.78
C LEU B 66 -15.87 -14.20 1.26
N ILE B 67 -16.14 -15.28 1.99
CA ILE B 67 -15.07 -16.14 2.50
C ILE B 67 -14.35 -16.84 1.36
N ALA B 68 -15.10 -17.25 0.35
CA ALA B 68 -14.53 -17.94 -0.80
C ALA B 68 -13.63 -17.02 -1.63
N VAL B 69 -14.06 -15.78 -1.83
CA VAL B 69 -13.28 -14.83 -2.63
C VAL B 69 -11.99 -14.47 -1.91
N SER B 70 -12.09 -14.21 -0.61
CA SER B 70 -10.92 -13.86 0.19
C SER B 70 -9.92 -15.02 0.14
N THR B 71 -10.43 -16.25 0.01
CA THR B 71 -9.59 -17.44 -0.05
C THR B 71 -9.01 -17.60 -1.45
N ILE B 72 -9.82 -17.31 -2.46
CA ILE B 72 -9.38 -17.41 -3.84
C ILE B 72 -8.26 -16.41 -4.12
N LEU B 73 -8.29 -15.27 -3.41
CA LEU B 73 -7.27 -14.24 -3.59
C LEU B 73 -5.89 -14.74 -3.14
N VAL B 74 -5.87 -15.71 -2.24
CA VAL B 74 -4.59 -16.24 -1.76
C VAL B 74 -3.76 -16.76 -2.93
N PRO B 75 -4.32 -17.68 -3.73
CA PRO B 75 -3.52 -18.16 -4.87
C PRO B 75 -3.36 -17.12 -5.99
N VAL B 76 -4.25 -16.11 -6.02
CA VAL B 76 -4.13 -15.07 -7.03
C VAL B 76 -2.86 -14.27 -6.70
N VAL B 77 -2.76 -13.85 -5.43
CA VAL B 77 -1.59 -13.10 -4.98
C VAL B 77 -0.34 -13.97 -5.13
N SER B 78 -0.49 -15.27 -4.93
CA SER B 78 0.65 -16.17 -5.02
C SER B 78 1.22 -16.31 -6.43
N ILE B 79 0.35 -16.48 -7.42
CA ILE B 79 0.84 -16.63 -8.80
C ILE B 79 1.49 -15.33 -9.30
N ALA B 80 0.95 -14.19 -8.87
CA ALA B 80 1.49 -12.90 -9.27
C ALA B 80 2.88 -12.70 -8.66
N SER B 81 2.97 -12.92 -7.36
CA SER B 81 4.22 -12.76 -6.62
C SER B 81 5.30 -13.73 -7.09
N TYR B 82 4.94 -14.98 -7.31
CA TYR B 82 5.90 -15.96 -7.80
C TYR B 82 6.39 -15.56 -9.18
N THR B 83 5.55 -14.87 -9.94
CA THR B 83 5.95 -14.42 -11.27
C THR B 83 6.92 -13.25 -11.07
N GLY B 84 6.70 -12.49 -10.00
CA GLY B 84 7.57 -11.36 -9.69
C GLY B 84 8.96 -11.87 -9.39
N LEU B 85 9.04 -12.98 -8.65
CA LEU B 85 10.32 -13.58 -8.30
C LEU B 85 10.95 -14.21 -9.55
N ALA B 86 10.21 -15.08 -10.22
CA ALA B 86 10.71 -15.77 -11.40
C ALA B 86 11.19 -14.83 -12.50
N SER B 87 10.50 -13.71 -12.69
CA SER B 87 10.89 -12.75 -13.74
C SER B 87 12.11 -11.92 -13.35
N GLY B 88 12.45 -11.92 -12.06
CA GLY B 88 13.59 -11.16 -11.58
C GLY B 88 13.20 -9.77 -11.13
N LEU B 89 11.92 -9.45 -11.27
CA LEU B 89 11.39 -8.15 -10.89
C LEU B 89 11.53 -7.91 -9.39
N THR B 90 11.20 -8.90 -8.57
CA THR B 90 11.29 -8.73 -7.12
C THR B 90 12.47 -9.44 -6.46
N ILE B 91 13.60 -9.49 -7.15
CA ILE B 91 14.82 -10.12 -6.62
C ILE B 91 15.94 -9.09 -6.70
N SER B 92 16.85 -9.12 -5.72
CA SER B 92 17.99 -8.21 -5.70
C SER B 92 19.23 -8.92 -5.16
N VAL B 93 20.38 -8.27 -5.30
CA VAL B 93 21.64 -8.79 -4.80
C VAL B 93 22.09 -7.86 -3.70
N LEU B 94 22.19 -8.38 -2.48
CA LEU B 94 22.60 -7.58 -1.34
C LEU B 94 23.87 -8.13 -0.70
N GLU B 95 24.71 -7.23 -0.19
CA GLU B 95 25.94 -7.64 0.48
C GLU B 95 25.62 -7.62 1.97
N MET B 96 25.76 -8.77 2.62
CA MET B 96 25.46 -8.85 4.05
C MET B 96 26.47 -8.06 4.86
N PRO B 97 26.08 -7.65 6.08
CA PRO B 97 26.97 -6.87 6.95
C PRO B 97 28.07 -7.69 7.61
N ALA B 98 29.11 -7.01 8.06
CA ALA B 98 30.24 -7.65 8.74
C ALA B 98 29.72 -8.46 9.93
N GLY B 99 30.07 -9.74 9.97
CA GLY B 99 29.63 -10.59 11.06
C GLY B 99 28.50 -11.52 10.65
N HIS B 100 27.85 -11.22 9.53
CA HIS B 100 26.76 -12.05 9.04
C HIS B 100 27.38 -13.32 8.45
N PHE B 101 26.80 -14.46 8.81
CA PHE B 101 27.29 -15.75 8.35
C PHE B 101 27.40 -15.88 6.83
N ALA B 102 26.83 -14.93 6.09
CA ALA B 102 26.88 -14.96 4.64
C ALA B 102 27.69 -13.80 4.08
N GLU B 103 28.39 -13.09 4.94
CA GLU B 103 29.22 -11.97 4.50
C GLU B 103 30.29 -12.52 3.55
N GLY B 104 30.70 -11.70 2.60
CA GLY B 104 31.73 -12.13 1.66
C GLY B 104 31.30 -13.20 0.66
N SER B 105 30.00 -13.31 0.41
CA SER B 105 29.52 -14.30 -0.55
C SER B 105 29.59 -13.72 -1.96
N SER B 106 29.51 -14.60 -2.95
CA SER B 106 29.55 -14.21 -4.35
C SER B 106 28.41 -14.96 -5.03
N VAL B 107 28.05 -14.53 -6.23
CA VAL B 107 26.95 -15.18 -6.94
C VAL B 107 27.26 -15.53 -8.39
N MET B 108 27.99 -14.65 -9.06
CA MET B 108 28.32 -14.83 -10.46
C MET B 108 27.04 -14.57 -11.25
N LEU B 109 26.52 -13.36 -11.16
CA LEU B 109 25.33 -13.00 -11.90
C LEU B 109 25.75 -12.89 -13.34
N GLY B 110 25.17 -13.74 -14.18
CA GLY B 110 25.54 -13.74 -15.57
C GLY B 110 26.77 -14.61 -15.65
N GLY B 111 27.91 -14.01 -16.03
CA GLY B 111 29.15 -14.75 -16.13
C GLY B 111 30.26 -14.05 -15.37
N GLU B 112 29.87 -13.08 -14.55
CA GLU B 112 30.82 -12.32 -13.75
C GLU B 112 30.56 -12.58 -12.27
N GLU B 113 31.64 -12.70 -11.49
CA GLU B 113 31.52 -12.96 -10.07
C GLU B 113 31.02 -11.70 -9.36
N VAL B 114 29.87 -11.79 -8.72
CA VAL B 114 29.32 -10.63 -8.02
C VAL B 114 29.22 -10.86 -6.52
N ASP B 115 29.68 -9.88 -5.75
CA ASP B 115 29.63 -9.95 -4.30
C ASP B 115 28.20 -9.83 -3.79
N GLY B 116 27.89 -10.60 -2.75
CA GLY B 116 26.56 -10.53 -2.18
C GLY B 116 25.76 -11.81 -2.29
N VAL B 117 24.50 -11.72 -1.88
CA VAL B 117 23.60 -12.87 -1.92
C VAL B 117 22.32 -12.49 -2.65
N VAL B 118 21.81 -13.42 -3.45
CA VAL B 118 20.57 -13.20 -4.19
C VAL B 118 19.44 -13.16 -3.17
N THR B 119 18.84 -11.99 -3.01
CA THR B 119 17.77 -11.78 -2.05
C THR B 119 16.40 -11.71 -2.71
N MET B 120 15.58 -12.73 -2.48
CA MET B 120 14.25 -12.75 -3.07
C MET B 120 13.25 -12.07 -2.14
N TRP B 121 13.40 -10.75 -2.02
CA TRP B 121 12.54 -9.96 -1.16
C TRP B 121 11.08 -10.00 -1.61
N GLY B 122 10.85 -10.41 -2.85
CA GLY B 122 9.49 -10.49 -3.35
C GLY B 122 8.59 -11.39 -2.52
N ARG B 123 9.17 -12.38 -1.84
CA ARG B 123 8.37 -13.29 -1.02
C ARG B 123 7.56 -12.55 0.04
N TYR B 124 8.15 -11.51 0.62
CA TYR B 124 7.47 -10.73 1.65
C TYR B 124 6.20 -10.05 1.16
N LEU B 125 6.23 -9.56 -0.08
CA LEU B 125 5.04 -8.93 -0.65
C LEU B 125 4.01 -10.04 -0.79
N THR B 126 4.46 -11.21 -1.25
CA THR B 126 3.56 -12.34 -1.39
C THR B 126 2.87 -12.58 -0.04
N TRP B 127 3.61 -12.37 1.05
CA TRP B 127 3.07 -12.60 2.39
C TRP B 127 2.20 -11.45 2.92
N ALA B 128 2.68 -10.22 2.78
CA ALA B 128 1.94 -9.05 3.25
C ALA B 128 0.57 -8.91 2.57
N LEU B 129 0.41 -9.53 1.40
CA LEU B 129 -0.85 -9.46 0.67
C LEU B 129 -1.71 -10.72 0.77
N SER B 130 -1.06 -11.86 0.91
CA SER B 130 -1.78 -13.12 1.02
C SER B 130 -2.21 -13.50 2.43
N THR B 131 -1.38 -13.22 3.43
CA THR B 131 -1.75 -13.58 4.79
C THR B 131 -2.96 -12.82 5.34
N PRO B 132 -3.12 -11.55 4.95
CA PRO B 132 -4.31 -10.85 5.48
C PRO B 132 -5.59 -11.53 4.95
N MET B 133 -5.51 -12.05 3.72
CA MET B 133 -6.66 -12.72 3.10
C MET B 133 -6.94 -14.08 3.76
N ILE B 134 -5.88 -14.74 4.19
CA ILE B 134 -5.99 -16.03 4.88
C ILE B 134 -6.69 -15.77 6.22
N LEU B 135 -6.20 -14.75 6.92
CA LEU B 135 -6.73 -14.36 8.22
C LEU B 135 -8.19 -13.90 8.14
N LEU B 136 -8.49 -13.12 7.10
CA LEU B 136 -9.84 -12.59 6.91
C LEU B 136 -10.85 -13.74 6.73
N ALA B 137 -10.47 -14.72 5.92
CA ALA B 137 -11.31 -15.87 5.66
C ALA B 137 -11.53 -16.68 6.94
N LEU B 138 -10.43 -16.97 7.64
CA LEU B 138 -10.47 -17.75 8.89
C LEU B 138 -11.23 -17.02 10.00
N GLY B 139 -11.05 -15.71 10.07
CA GLY B 139 -11.72 -14.91 11.08
C GLY B 139 -13.21 -14.95 10.86
N LEU B 140 -13.63 -14.76 9.62
CA LEU B 140 -15.04 -14.79 9.27
C LEU B 140 -15.62 -16.17 9.56
N LEU B 141 -14.87 -17.22 9.22
CA LEU B 141 -15.33 -18.58 9.44
C LEU B 141 -15.55 -18.84 10.93
N ALA B 142 -14.74 -18.20 11.77
CA ALA B 142 -14.82 -18.35 13.22
C ALA B 142 -15.88 -17.47 13.87
N GLY B 143 -16.53 -16.62 13.07
CA GLY B 143 -17.55 -15.73 13.61
C GLY B 143 -16.94 -14.59 14.40
N SER B 144 -15.71 -14.22 14.05
CA SER B 144 -15.00 -13.13 14.72
C SER B 144 -15.66 -11.77 14.58
N ASN B 145 -15.53 -10.92 15.59
CA ASN B 145 -16.09 -9.58 15.50
C ASN B 145 -15.06 -8.74 14.74
N ALA B 146 -15.40 -7.48 14.45
CA ALA B 146 -14.48 -6.61 13.71
C ALA B 146 -13.18 -6.32 14.46
N THR B 147 -13.26 -6.18 15.77
CA THR B 147 -12.09 -5.87 16.59
C THR B 147 -10.94 -6.86 16.45
N LYS B 148 -11.25 -8.15 16.52
CA LYS B 148 -10.23 -9.17 16.42
C LYS B 148 -9.66 -9.29 15.01
N LEU B 149 -10.51 -9.15 13.99
CA LEU B 149 -10.07 -9.23 12.60
C LEU B 149 -9.03 -8.12 12.37
N PHE B 150 -9.37 -6.92 12.82
CA PHE B 150 -8.52 -5.75 12.68
C PHE B 150 -7.19 -5.95 13.38
N THR B 151 -7.25 -6.47 14.61
CA THR B 151 -6.04 -6.73 15.38
C THR B 151 -5.17 -7.77 14.69
N ALA B 152 -5.80 -8.85 14.24
CA ALA B 152 -5.08 -9.92 13.57
C ALA B 152 -4.41 -9.44 12.28
N ILE B 153 -5.19 -8.82 11.40
CA ILE B 153 -4.70 -8.34 10.11
C ILE B 153 -3.63 -7.26 10.19
N THR B 154 -3.79 -6.28 11.09
CA THR B 154 -2.82 -5.20 11.23
C THR B 154 -1.46 -5.67 11.72
N PHE B 155 -1.45 -6.45 12.79
CA PHE B 155 -0.19 -6.95 13.32
C PHE B 155 0.45 -7.94 12.36
N ASP B 156 -0.39 -8.61 11.58
CA ASP B 156 0.11 -9.55 10.58
C ASP B 156 0.85 -8.79 9.49
N ILE B 157 0.27 -7.69 9.04
CA ILE B 157 0.92 -6.88 8.00
C ILE B 157 2.21 -6.31 8.57
N ALA B 158 2.19 -5.90 9.84
CA ALA B 158 3.38 -5.36 10.49
C ALA B 158 4.44 -6.45 10.53
N MET B 159 4.02 -7.68 10.78
CA MET B 159 4.92 -8.82 10.83
C MET B 159 5.66 -8.96 9.49
N CYS B 160 4.90 -8.98 8.40
CA CYS B 160 5.47 -9.12 7.07
C CYS B 160 6.38 -7.96 6.65
N VAL B 161 5.97 -6.73 6.99
CA VAL B 161 6.76 -5.55 6.62
C VAL B 161 8.07 -5.47 7.39
N THR B 162 8.04 -5.75 8.69
CA THR B 162 9.27 -5.69 9.47
C THR B 162 10.18 -6.84 9.07
N GLY B 163 9.59 -7.91 8.57
CA GLY B 163 10.37 -9.06 8.14
C GLY B 163 11.10 -8.68 6.86
N LEU B 164 10.42 -7.91 6.02
CA LEU B 164 10.99 -7.43 4.77
C LEU B 164 12.11 -6.46 5.11
N ALA B 165 11.86 -5.58 6.07
CA ALA B 165 12.86 -4.61 6.49
C ALA B 165 14.12 -5.33 6.97
N ALA B 166 13.92 -6.46 7.64
CA ALA B 166 15.05 -7.24 8.15
C ALA B 166 15.95 -7.72 7.00
N ALA B 167 15.32 -8.35 6.01
CA ALA B 167 16.04 -8.87 4.85
C ALA B 167 16.72 -7.76 4.03
N LEU B 168 16.08 -6.60 3.97
CA LEU B 168 16.61 -5.47 3.21
C LEU B 168 17.65 -4.64 3.96
N THR B 169 17.91 -4.96 5.22
CA THR B 169 18.88 -4.21 6.00
C THR B 169 20.28 -4.78 5.87
N THR B 170 21.22 -3.93 5.46
CA THR B 170 22.61 -4.33 5.28
C THR B 170 23.57 -3.44 6.05
N SER B 171 23.04 -2.44 6.75
CA SER B 171 23.89 -1.53 7.50
C SER B 171 24.54 -2.19 8.71
N SER B 172 23.77 -3.01 9.42
CA SER B 172 24.26 -3.70 10.60
C SER B 172 23.70 -5.11 10.69
N HIS B 173 24.49 -6.03 11.27
CA HIS B 173 24.06 -7.41 11.41
C HIS B 173 23.01 -7.52 12.51
N LEU B 174 23.23 -6.77 13.59
CA LEU B 174 22.31 -6.78 14.72
C LEU B 174 20.99 -6.08 14.38
N MET B 175 21.03 -5.12 13.46
CA MET B 175 19.81 -4.43 13.07
C MET B 175 18.85 -5.44 12.47
N ARG B 176 19.38 -6.33 11.64
CA ARG B 176 18.59 -7.36 10.99
C ARG B 176 17.83 -8.21 11.99
N TRP B 177 18.51 -8.59 13.07
CA TRP B 177 17.89 -9.42 14.10
C TRP B 177 16.94 -8.64 14.99
N PHE B 178 17.12 -7.33 15.04
CA PHE B 178 16.24 -6.49 15.83
C PHE B 178 14.91 -6.44 15.05
N TRP B 179 15.00 -6.32 13.72
CA TRP B 179 13.81 -6.31 12.87
C TRP B 179 13.10 -7.64 13.07
N TYR B 180 13.90 -8.70 13.05
CA TYR B 180 13.41 -10.05 13.22
C TYR B 180 12.69 -10.20 14.56
N ALA B 181 13.20 -9.53 15.59
CA ALA B 181 12.60 -9.61 16.91
C ALA B 181 11.25 -8.91 16.92
N ILE B 182 11.20 -7.73 16.31
CA ILE B 182 9.97 -6.96 16.23
C ILE B 182 8.91 -7.74 15.47
N SER B 183 9.31 -8.42 14.40
CA SER B 183 8.39 -9.20 13.58
C SER B 183 7.83 -10.39 14.36
N CYS B 184 8.67 -11.01 15.19
CA CYS B 184 8.24 -12.14 16.01
C CYS B 184 7.18 -11.69 17.02
N ALA B 185 7.37 -10.51 17.58
CA ALA B 185 6.41 -9.98 18.55
C ALA B 185 5.04 -9.82 17.89
N CYS B 186 5.04 -9.35 16.64
CA CYS B 186 3.79 -9.18 15.89
C CYS B 186 3.22 -10.56 15.58
N PHE B 187 4.11 -11.53 15.36
CA PHE B 187 3.70 -12.89 15.06
C PHE B 187 2.94 -13.50 16.24
N ILE B 188 3.42 -13.26 17.46
CA ILE B 188 2.78 -13.78 18.66
C ILE B 188 1.36 -13.24 18.82
N VAL B 189 1.15 -11.97 18.48
CA VAL B 189 -0.18 -11.36 18.58
C VAL B 189 -1.14 -12.10 17.66
N VAL B 190 -0.69 -12.41 16.44
CA VAL B 190 -1.52 -13.13 15.49
C VAL B 190 -1.81 -14.54 15.99
N LEU B 191 -0.75 -15.23 16.42
CA LEU B 191 -0.89 -16.59 16.94
C LEU B 191 -1.89 -16.65 18.10
N TYR B 192 -1.80 -15.70 19.02
CA TYR B 192 -2.71 -15.65 20.15
C TYR B 192 -4.17 -15.65 19.70
N ILE B 193 -4.48 -14.80 18.72
CA ILE B 193 -5.84 -14.70 18.19
C ILE B 193 -6.28 -15.99 17.52
N LEU B 194 -5.36 -16.64 16.81
CA LEU B 194 -5.69 -17.89 16.14
C LEU B 194 -5.97 -19.00 17.14
N LEU B 195 -5.02 -19.22 18.04
CA LEU B 195 -5.09 -20.27 19.06
C LEU B 195 -6.09 -20.02 20.19
N VAL B 196 -5.97 -18.88 20.84
CA VAL B 196 -6.84 -18.55 21.97
C VAL B 196 -8.19 -17.92 21.63
N GLU B 197 -8.18 -16.80 20.92
CA GLU B 197 -9.39 -16.07 20.57
C GLU B 197 -10.39 -16.75 19.63
N TRP B 198 -10.01 -16.88 18.36
CA TRP B 198 -10.90 -17.47 17.38
C TRP B 198 -11.26 -18.91 17.65
N ALA B 199 -10.58 -19.52 18.62
CA ALA B 199 -10.84 -20.90 19.00
C ALA B 199 -12.18 -20.93 19.72
N GLN B 200 -12.39 -19.93 20.58
CA GLN B 200 -13.61 -19.81 21.35
C GLN B 200 -14.77 -19.33 20.48
N ASP B 201 -14.46 -18.42 19.54
CA ASP B 201 -15.46 -17.86 18.65
C ASP B 201 -16.05 -18.91 17.71
N ALA B 202 -15.21 -19.80 17.20
CA ALA B 202 -15.68 -20.84 16.31
C ALA B 202 -16.81 -21.64 16.96
N LYS B 203 -16.66 -21.87 18.27
CA LYS B 203 -17.65 -22.63 19.03
C LYS B 203 -19.06 -22.08 18.81
N ALA B 204 -19.26 -20.81 19.14
CA ALA B 204 -20.57 -20.18 18.97
C ALA B 204 -20.96 -20.07 17.49
N ALA B 205 -19.97 -19.95 16.61
CA ALA B 205 -20.23 -19.83 15.19
C ALA B 205 -20.63 -21.19 14.60
N GLY B 206 -20.34 -22.25 15.35
CA GLY B 206 -20.68 -23.58 14.90
C GLY B 206 -19.69 -24.17 13.91
N THR B 207 -18.47 -23.64 13.90
CA THR B 207 -17.44 -24.11 12.99
C THR B 207 -16.19 -24.54 13.76
N ALA B 208 -16.39 -24.80 15.05
CA ALA B 208 -15.31 -25.20 15.94
C ALA B 208 -14.47 -26.38 15.43
N ASP B 209 -15.12 -27.37 14.83
CA ASP B 209 -14.39 -28.53 14.33
C ASP B 209 -13.54 -28.31 13.10
N ILE B 210 -14.03 -27.51 12.15
CA ILE B 210 -13.25 -27.25 10.95
C ILE B 210 -12.12 -26.28 11.29
N PHE B 211 -12.43 -25.32 12.15
CA PHE B 211 -11.43 -24.33 12.54
C PHE B 211 -10.23 -25.00 13.18
N SER B 212 -10.48 -26.06 13.96
CA SER B 212 -9.41 -26.78 14.63
C SER B 212 -8.37 -27.25 13.62
N THR B 213 -8.82 -27.95 12.58
CA THR B 213 -7.94 -28.46 11.55
C THR B 213 -7.16 -27.36 10.87
N LEU B 214 -7.86 -26.27 10.53
CA LEU B 214 -7.23 -25.14 9.85
C LEU B 214 -6.31 -24.36 10.78
N LYS B 215 -6.69 -24.24 12.04
CA LYS B 215 -5.90 -23.54 13.04
C LYS B 215 -4.54 -24.22 13.18
N LEU B 216 -4.56 -25.50 13.52
CA LEU B 216 -3.35 -26.29 13.70
C LEU B 216 -2.46 -26.14 12.47
N LEU B 217 -2.99 -26.53 11.32
CA LEU B 217 -2.25 -26.45 10.07
C LEU B 217 -1.54 -25.11 9.93
N THR B 218 -2.27 -24.02 10.17
CA THR B 218 -1.73 -22.68 10.05
C THR B 218 -0.61 -22.39 11.06
N VAL B 219 -0.86 -22.66 12.32
CA VAL B 219 0.13 -22.41 13.37
C VAL B 219 1.41 -23.23 13.17
N VAL B 220 1.27 -24.45 12.68
CA VAL B 220 2.42 -25.31 12.44
C VAL B 220 3.18 -24.83 11.20
N MET B 221 2.44 -24.59 10.13
CA MET B 221 3.05 -24.12 8.88
C MET B 221 3.63 -22.72 9.03
N TRP B 222 2.91 -21.83 9.71
CA TRP B 222 3.38 -20.46 9.91
C TRP B 222 4.66 -20.43 10.74
N LEU B 223 4.78 -21.33 11.71
CA LEU B 223 5.98 -21.39 12.55
C LEU B 223 7.19 -21.74 11.71
N GLY B 224 6.95 -22.41 10.58
CA GLY B 224 8.05 -22.80 9.71
C GLY B 224 8.76 -21.64 9.03
N TYR B 225 8.03 -20.57 8.73
CA TYR B 225 8.63 -19.41 8.06
C TYR B 225 9.74 -18.70 8.85
N PRO B 226 9.46 -18.32 10.10
CA PRO B 226 10.51 -17.65 10.88
C PRO B 226 11.68 -18.59 11.18
N ILE B 227 11.40 -19.90 11.12
CA ILE B 227 12.42 -20.90 11.37
C ILE B 227 13.30 -20.98 10.12
N VAL B 228 12.65 -21.12 8.96
CA VAL B 228 13.36 -21.18 7.69
C VAL B 228 14.21 -19.92 7.53
N TRP B 229 13.63 -18.77 7.86
CA TRP B 229 14.32 -17.51 7.75
C TRP B 229 15.66 -17.60 8.49
N ALA B 230 15.59 -17.96 9.76
CA ALA B 230 16.76 -18.08 10.63
C ALA B 230 17.82 -19.05 10.13
N LEU B 231 17.39 -20.11 9.47
CA LEU B 231 18.31 -21.12 8.96
C LEU B 231 18.82 -20.82 7.55
N GLY B 232 18.04 -20.06 6.77
CA GLY B 232 18.44 -19.73 5.41
C GLY B 232 19.43 -18.58 5.31
N VAL B 233 19.78 -18.23 4.07
CA VAL B 233 20.73 -17.17 3.79
C VAL B 233 20.50 -15.84 4.51
N GLU B 234 19.25 -15.52 4.79
CA GLU B 234 18.91 -14.27 5.47
C GLU B 234 19.28 -14.38 6.95
N GLY B 235 19.27 -15.60 7.46
CA GLY B 235 19.60 -15.83 8.86
C GLY B 235 21.02 -16.32 9.08
N VAL B 236 21.16 -17.47 9.75
CA VAL B 236 22.48 -18.03 10.04
C VAL B 236 23.12 -18.66 8.80
N ALA B 237 22.33 -18.80 7.74
CA ALA B 237 22.81 -19.35 6.47
C ALA B 237 23.29 -20.80 6.46
N VAL B 238 22.55 -21.70 7.10
CA VAL B 238 22.93 -23.11 7.08
C VAL B 238 22.37 -23.73 5.80
N LEU B 239 21.25 -23.18 5.34
CA LEU B 239 20.61 -23.64 4.11
C LEU B 239 21.02 -22.73 2.95
N PRO B 240 21.47 -23.31 1.83
CA PRO B 240 21.87 -22.50 0.67
C PRO B 240 20.67 -21.74 0.11
N VAL B 241 20.92 -20.79 -0.78
CA VAL B 241 19.83 -20.00 -1.37
C VAL B 241 18.78 -20.88 -2.03
N GLY B 242 19.23 -21.97 -2.67
CA GLY B 242 18.30 -22.86 -3.34
C GLY B 242 17.47 -23.71 -2.40
N TYR B 243 18.03 -24.06 -1.26
CA TYR B 243 17.32 -24.88 -0.27
C TYR B 243 16.31 -24.07 0.52
N THR B 244 16.64 -22.81 0.78
CA THR B 244 15.74 -21.95 1.52
C THR B 244 14.51 -21.73 0.64
N SER B 245 14.75 -21.43 -0.64
CA SER B 245 13.67 -21.19 -1.58
C SER B 245 12.68 -22.34 -1.56
N TRP B 246 13.18 -23.56 -1.74
CA TRP B 246 12.31 -24.73 -1.73
C TRP B 246 11.62 -24.95 -0.39
N ALA B 247 12.26 -24.52 0.69
CA ALA B 247 11.69 -24.65 2.02
C ALA B 247 10.45 -23.77 2.09
N TYR B 248 10.58 -22.55 1.60
CA TYR B 248 9.47 -21.60 1.57
C TYR B 248 8.38 -22.10 0.64
N SER B 249 8.78 -22.54 -0.55
CA SER B 249 7.83 -23.03 -1.54
C SER B 249 7.05 -24.23 -1.01
N ALA B 250 7.69 -25.05 -0.18
CA ALA B 250 7.03 -26.22 0.40
C ALA B 250 5.98 -25.72 1.38
N LEU B 251 6.37 -24.71 2.15
CA LEU B 251 5.47 -24.12 3.12
C LEU B 251 4.29 -23.47 2.39
N ASP B 252 4.57 -22.69 1.34
CA ASP B 252 3.50 -22.04 0.59
C ASP B 252 2.49 -23.03 0.05
N ILE B 253 2.96 -24.18 -0.42
CA ILE B 253 2.08 -25.20 -0.96
C ILE B 253 1.09 -25.71 0.08
N VAL B 254 1.52 -25.79 1.33
CA VAL B 254 0.65 -26.27 2.39
C VAL B 254 -0.21 -25.16 2.99
N ALA B 255 0.45 -24.14 3.50
CA ALA B 255 -0.21 -23.00 4.13
C ALA B 255 -1.14 -22.25 3.18
N LYS B 256 -0.94 -22.42 1.88
CA LYS B 256 -1.78 -21.73 0.92
C LYS B 256 -2.73 -22.61 0.12
N TYR B 257 -2.17 -23.40 -0.80
CA TYR B 257 -2.98 -24.25 -1.66
C TYR B 257 -3.78 -25.32 -0.94
N ILE B 258 -3.13 -26.28 -0.29
CA ILE B 258 -3.91 -27.32 0.39
C ILE B 258 -4.79 -26.70 1.47
N PHE B 259 -4.26 -25.74 2.21
CA PHE B 259 -5.03 -25.07 3.25
C PHE B 259 -6.29 -24.41 2.68
N ALA B 260 -6.13 -23.77 1.52
CA ALA B 260 -7.24 -23.10 0.86
C ALA B 260 -8.24 -24.11 0.32
N PHE B 261 -7.73 -25.25 -0.16
CA PHE B 261 -8.61 -26.29 -0.68
C PHE B 261 -9.47 -26.84 0.46
N LEU B 262 -8.83 -27.08 1.61
CA LEU B 262 -9.52 -27.61 2.78
C LEU B 262 -10.62 -26.65 3.21
N LEU B 263 -10.26 -25.39 3.38
CA LEU B 263 -11.22 -24.36 3.80
C LEU B 263 -12.38 -24.26 2.82
N LEU B 264 -12.08 -24.27 1.53
CA LEU B 264 -13.12 -24.18 0.51
C LEU B 264 -14.00 -25.41 0.48
N ASN B 265 -13.39 -26.59 0.62
CA ASN B 265 -14.15 -27.84 0.61
C ASN B 265 -15.16 -27.85 1.76
N TYR B 266 -14.75 -27.31 2.90
CA TYR B 266 -15.63 -27.24 4.06
C TYR B 266 -16.74 -26.24 3.78
N LEU B 267 -16.33 -25.03 3.39
CA LEU B 267 -17.25 -23.94 3.10
C LEU B 267 -18.38 -24.35 2.17
N THR B 268 -18.04 -25.07 1.11
CA THR B 268 -19.03 -25.51 0.15
C THR B 268 -19.97 -26.56 0.74
N SER B 269 -19.57 -27.17 1.86
CA SER B 269 -20.38 -28.18 2.53
C SER B 269 -21.19 -27.59 3.68
N ASN B 270 -20.74 -26.43 4.17
CA ASN B 270 -21.39 -25.75 5.29
C ASN B 270 -21.82 -24.33 4.97
N GLU B 271 -22.19 -24.08 3.72
CA GLU B 271 -22.61 -22.75 3.32
C GLU B 271 -23.71 -22.23 4.24
N GLY B 272 -24.68 -23.09 4.54
CA GLY B 272 -25.78 -22.68 5.40
C GLY B 272 -25.37 -22.25 6.79
N VAL B 273 -24.40 -22.96 7.37
CA VAL B 273 -23.92 -22.65 8.71
C VAL B 273 -23.13 -21.36 8.73
N VAL B 274 -22.22 -21.20 7.79
CA VAL B 274 -21.39 -20.00 7.72
C VAL B 274 -22.18 -18.75 7.32
N SER B 275 -23.38 -18.94 6.78
CA SER B 275 -24.20 -17.82 6.38
C SER B 275 -24.82 -17.13 7.59
N GLY B 276 -25.09 -17.90 8.63
CA GLY B 276 -25.67 -17.35 9.84
C GLY B 276 -27.17 -17.56 9.92
N SER B 277 -27.93 -16.75 9.20
CA SER B 277 -29.39 -16.85 9.20
C SER B 277 -29.99 -16.21 7.95
N GLU C 18 26.79 6.51 -5.35
CA GLU C 18 26.29 5.22 -4.81
C GLU C 18 26.59 5.09 -3.31
N VAL C 19 25.77 5.72 -2.49
CA VAL C 19 25.95 5.67 -1.05
C VAL C 19 25.34 4.37 -0.53
N THR C 20 26.06 3.71 0.37
CA THR C 20 25.57 2.46 0.95
C THR C 20 24.72 2.74 2.18
N GLN C 21 23.93 1.75 2.56
CA GLN C 21 23.07 1.86 3.73
C GLN C 21 23.95 2.01 4.98
N ARG C 22 25.10 1.34 4.95
CA ARG C 22 26.04 1.35 6.07
C ARG C 22 26.58 2.76 6.32
N GLU C 23 26.96 3.44 5.25
CA GLU C 23 27.51 4.80 5.36
C GLU C 23 26.50 5.77 5.93
N LEU C 24 25.23 5.57 5.58
CA LEU C 24 24.16 6.43 6.08
C LEU C 24 23.90 6.08 7.55
N PHE C 25 24.06 4.80 7.87
CA PHE C 25 23.85 4.34 9.24
C PHE C 25 24.94 4.94 10.15
N GLU C 26 26.17 5.00 9.64
CA GLU C 26 27.26 5.58 10.42
C GLU C 26 27.11 7.09 10.49
N PHE C 27 26.52 7.68 9.45
CA PHE C 27 26.32 9.13 9.40
C PHE C 27 25.37 9.58 10.52
N VAL C 28 24.30 8.81 10.74
CA VAL C 28 23.37 9.16 11.81
C VAL C 28 24.20 9.15 13.08
N LEU C 29 24.99 8.10 13.25
CA LEU C 29 25.87 8.01 14.40
C LEU C 29 26.90 9.10 14.11
N ASN C 30 27.73 9.44 15.10
CA ASN C 30 28.74 10.47 14.88
C ASN C 30 28.06 11.82 14.67
N ASP C 31 26.74 11.82 14.64
CA ASP C 31 25.98 13.06 14.50
C ASP C 31 25.05 13.12 15.72
N PRO C 32 25.47 13.87 16.75
CA PRO C 32 24.76 14.08 18.02
C PRO C 32 23.25 14.27 17.95
N LEU C 33 22.82 15.32 17.27
CA LEU C 33 21.40 15.62 17.15
C LEU C 33 20.61 14.54 16.42
N LEU C 34 21.14 14.09 15.30
CA LEU C 34 20.48 13.07 14.49
C LEU C 34 20.30 11.76 15.24
N ALA C 35 21.40 11.19 15.73
CA ALA C 35 21.37 9.93 16.45
C ALA C 35 20.40 9.94 17.64
N SER C 36 20.39 11.04 18.38
CA SER C 36 19.51 11.15 19.55
C SER C 36 18.04 11.30 19.18
N SER C 37 17.72 12.20 18.25
CA SER C 37 16.33 12.42 17.85
C SER C 37 15.68 11.12 17.37
N LEU C 38 16.48 10.23 16.80
CA LEU C 38 15.98 8.95 16.28
C LEU C 38 15.93 7.83 17.32
N TYR C 39 17.08 7.54 17.94
CA TYR C 39 17.13 6.48 18.93
C TYR C 39 16.29 6.75 20.17
N ILE C 40 16.06 8.03 20.48
CA ILE C 40 15.26 8.37 21.64
C ILE C 40 13.78 8.07 21.38
N ASN C 41 13.35 8.18 20.12
CA ASN C 41 11.97 7.88 19.78
C ASN C 41 11.75 6.37 19.77
N ILE C 42 12.78 5.63 19.38
CA ILE C 42 12.70 4.17 19.36
C ILE C 42 12.49 3.67 20.79
N ALA C 43 13.18 4.31 21.73
CA ALA C 43 13.07 3.93 23.14
C ALA C 43 11.72 4.37 23.71
N LEU C 44 11.32 5.60 23.40
CA LEU C 44 10.03 6.10 23.89
C LEU C 44 8.84 5.37 23.25
N ALA C 45 9.05 4.86 22.05
CA ALA C 45 7.99 4.13 21.36
C ALA C 45 7.79 2.79 22.06
N GLY C 46 8.89 2.11 22.36
CA GLY C 46 8.82 0.81 23.03
C GLY C 46 8.21 0.90 24.42
N LEU C 47 8.62 1.92 25.17
CA LEU C 47 8.10 2.12 26.52
C LEU C 47 6.61 2.43 26.49
N SER C 48 6.19 3.18 25.47
CA SER C 48 4.79 3.54 25.32
C SER C 48 3.96 2.28 25.13
N ILE C 49 4.43 1.42 24.24
CA ILE C 49 3.75 0.18 23.95
C ILE C 49 3.51 -0.62 25.24
N LEU C 50 4.55 -0.80 26.03
CA LEU C 50 4.46 -1.54 27.29
C LEU C 50 3.46 -0.87 28.23
N LEU C 51 3.57 0.44 28.36
CA LEU C 51 2.67 1.19 29.23
C LEU C 51 1.22 1.05 28.77
N PHE C 52 1.00 1.17 27.46
CA PHE C 52 -0.35 1.08 26.90
C PHE C 52 -0.95 -0.32 26.99
N VAL C 53 -0.13 -1.34 26.78
CA VAL C 53 -0.63 -2.71 26.85
C VAL C 53 -1.08 -3.01 28.28
N PHE C 54 -0.30 -2.51 29.24
CA PHE C 54 -0.61 -2.70 30.65
C PHE C 54 -1.83 -1.90 31.07
N MET C 55 -1.90 -0.66 30.60
CA MET C 55 -3.01 0.24 30.91
C MET C 55 -4.35 -0.28 30.41
N THR C 56 -4.33 -1.10 29.37
CA THR C 56 -5.57 -1.59 28.76
C THR C 56 -5.94 -3.05 28.94
N ARG C 57 -5.24 -3.77 29.82
CA ARG C 57 -5.55 -5.18 30.04
C ARG C 57 -6.95 -5.38 30.63
N GLY C 58 -7.50 -4.33 31.23
CA GLY C 58 -8.81 -4.43 31.84
C GLY C 58 -9.99 -4.40 30.87
N LEU C 59 -9.80 -3.76 29.72
CA LEU C 59 -10.85 -3.65 28.71
C LEU C 59 -11.49 -4.97 28.28
N ASP C 60 -12.79 -4.93 28.05
CA ASP C 60 -13.56 -6.11 27.62
C ASP C 60 -14.49 -5.78 26.46
N ASP C 61 -14.97 -4.54 26.42
CA ASP C 61 -15.87 -4.10 25.35
C ASP C 61 -15.13 -4.10 24.01
N PRO C 62 -15.63 -4.85 23.03
CA PRO C 62 -15.01 -4.94 21.71
C PRO C 62 -14.74 -3.59 21.06
N ARG C 63 -15.70 -2.68 21.15
CA ARG C 63 -15.53 -1.35 20.56
C ARG C 63 -14.46 -0.56 21.32
N ALA C 64 -14.48 -0.66 22.65
CA ALA C 64 -13.50 0.02 23.46
C ALA C 64 -12.12 -0.54 23.16
N LYS C 65 -12.07 -1.84 22.89
CA LYS C 65 -10.79 -2.49 22.57
C LYS C 65 -10.28 -2.11 21.18
N LEU C 66 -11.21 -1.78 20.28
CA LEU C 66 -10.85 -1.37 18.92
C LEU C 66 -10.12 -0.04 19.03
N ILE C 67 -10.68 0.87 19.83
CA ILE C 67 -10.08 2.17 20.04
C ILE C 67 -8.72 1.99 20.66
N ALA C 68 -8.61 1.00 21.56
CA ALA C 68 -7.37 0.71 22.26
C ALA C 68 -6.27 0.19 21.34
N VAL C 69 -6.58 -0.82 20.54
CA VAL C 69 -5.60 -1.39 19.63
C VAL C 69 -5.19 -0.39 18.55
N SER C 70 -6.15 0.38 18.05
CA SER C 70 -5.87 1.36 17.03
C SER C 70 -4.85 2.36 17.58
N THR C 71 -5.02 2.72 18.85
CA THR C 71 -4.11 3.65 19.50
C THR C 71 -2.73 3.05 19.76
N ILE C 72 -2.69 1.78 20.14
CA ILE C 72 -1.42 1.12 20.41
C ILE C 72 -0.58 0.96 19.14
N LEU C 73 -1.25 0.86 18.00
CA LEU C 73 -0.57 0.71 16.72
C LEU C 73 0.27 1.94 16.35
N VAL C 74 -0.09 3.10 16.92
CA VAL C 74 0.64 4.33 16.63
C VAL C 74 2.12 4.19 17.05
N PRO C 75 2.39 3.86 18.33
CA PRO C 75 3.80 3.71 18.72
C PRO C 75 4.44 2.47 18.12
N VAL C 76 3.62 1.52 17.67
CA VAL C 76 4.13 0.31 17.05
C VAL C 76 4.70 0.67 15.67
N VAL C 77 3.98 1.53 14.95
CA VAL C 77 4.44 1.95 13.63
C VAL C 77 5.65 2.84 13.82
N SER C 78 5.62 3.66 14.88
CA SER C 78 6.70 4.58 15.18
C SER C 78 8.02 3.91 15.53
N ILE C 79 7.98 2.82 16.30
CA ILE C 79 9.21 2.14 16.65
C ILE C 79 9.81 1.47 15.42
N ALA C 80 8.94 0.84 14.62
CA ALA C 80 9.38 0.17 13.40
C ALA C 80 9.92 1.18 12.38
N SER C 81 9.20 2.27 12.19
CA SER C 81 9.59 3.28 11.22
C SER C 81 10.87 4.00 11.62
N TYR C 82 11.01 4.38 12.89
CA TYR C 82 12.22 5.06 13.35
C TYR C 82 13.42 4.12 13.21
N THR C 83 13.18 2.82 13.31
CA THR C 83 14.24 1.84 13.17
C THR C 83 14.63 1.80 11.69
N GLY C 84 13.69 2.14 10.82
CA GLY C 84 13.95 2.15 9.39
C GLY C 84 14.91 3.28 9.08
N LEU C 85 14.73 4.39 9.80
CA LEU C 85 15.59 5.55 9.63
C LEU C 85 16.97 5.27 10.24
N ALA C 86 16.98 4.92 11.53
CA ALA C 86 18.23 4.65 12.24
C ALA C 86 19.09 3.63 11.51
N SER C 87 18.46 2.61 10.94
CA SER C 87 19.19 1.57 10.21
C SER C 87 19.77 2.08 8.89
N GLY C 88 19.19 3.17 8.38
CA GLY C 88 19.65 3.73 7.13
C GLY C 88 18.81 3.23 5.96
N LEU C 89 17.98 2.22 6.23
CA LEU C 89 17.13 1.64 5.20
C LEU C 89 16.23 2.65 4.48
N THR C 90 15.56 3.51 5.23
CA THR C 90 14.68 4.49 4.61
C THR C 90 15.26 5.90 4.53
N ILE C 91 16.57 5.98 4.32
CA ILE C 91 17.25 7.26 4.19
C ILE C 91 17.94 7.31 2.82
N SER C 92 17.95 8.48 2.20
CA SER C 92 18.60 8.64 0.90
C SER C 92 19.32 9.98 0.84
N VAL C 93 20.18 10.13 -0.15
CA VAL C 93 20.89 11.38 -0.36
C VAL C 93 20.37 11.93 -1.66
N LEU C 94 19.69 13.07 -1.61
CA LEU C 94 19.12 13.68 -2.80
C LEU C 94 19.70 15.07 -3.07
N GLU C 95 19.86 15.38 -4.35
CA GLU C 95 20.37 16.68 -4.77
C GLU C 95 19.16 17.59 -5.06
N MET C 96 19.11 18.72 -4.38
CA MET C 96 18.01 19.66 -4.58
C MET C 96 18.17 20.41 -5.89
N PRO C 97 17.05 20.73 -6.54
CA PRO C 97 17.03 21.44 -7.83
C PRO C 97 17.51 22.88 -7.71
N ALA C 98 17.86 23.48 -8.86
CA ALA C 98 18.34 24.85 -8.91
C ALA C 98 17.33 25.78 -8.24
N GLY C 99 17.81 26.66 -7.38
CA GLY C 99 16.94 27.60 -6.70
C GLY C 99 16.62 27.21 -5.28
N HIS C 100 16.67 25.91 -4.99
CA HIS C 100 16.38 25.42 -3.66
C HIS C 100 17.50 25.83 -2.71
N PHE C 101 17.12 26.34 -1.53
CA PHE C 101 18.10 26.80 -0.55
C PHE C 101 19.10 25.75 -0.10
N ALA C 102 18.79 24.47 -0.29
CA ALA C 102 19.71 23.41 0.09
C ALA C 102 20.44 22.86 -1.13
N GLU C 103 20.20 23.45 -2.29
CA GLU C 103 20.89 23.02 -3.50
C GLU C 103 22.34 23.46 -3.29
N GLY C 104 23.28 22.62 -3.69
CA GLY C 104 24.69 22.96 -3.54
C GLY C 104 25.31 22.43 -2.25
N SER C 105 24.49 21.83 -1.38
CA SER C 105 25.00 21.29 -0.13
C SER C 105 25.81 20.02 -0.38
N SER C 106 26.68 19.69 0.58
CA SER C 106 27.53 18.50 0.48
C SER C 106 27.43 17.71 1.78
N VAL C 107 27.80 16.44 1.72
CA VAL C 107 27.76 15.60 2.91
C VAL C 107 28.90 14.58 2.89
N MET C 108 29.57 14.42 4.02
CA MET C 108 30.68 13.48 4.12
C MET C 108 30.16 12.08 4.44
N LEU C 109 30.22 11.20 3.45
CA LEU C 109 29.77 9.82 3.60
C LEU C 109 30.88 8.87 3.22
N GLY C 110 31.18 7.92 4.10
CA GLY C 110 32.25 6.99 3.82
C GLY C 110 33.54 7.77 3.87
N GLY C 111 34.35 7.67 2.81
CA GLY C 111 35.61 8.41 2.77
C GLY C 111 35.64 9.42 1.64
N GLU C 112 34.55 10.14 1.46
CA GLU C 112 34.45 11.13 0.40
C GLU C 112 33.29 12.11 0.59
N GLU C 113 33.40 13.27 -0.05
CA GLU C 113 32.36 14.30 0.03
C GLU C 113 31.33 13.97 -1.05
N VAL C 114 30.07 13.92 -0.67
CA VAL C 114 29.01 13.59 -1.62
C VAL C 114 28.00 14.73 -1.76
N ASP C 115 27.67 15.06 -3.01
CA ASP C 115 26.70 16.12 -3.28
C ASP C 115 25.32 15.71 -2.80
N GLY C 116 24.58 16.67 -2.24
CA GLY C 116 23.24 16.36 -1.80
C GLY C 116 22.92 16.61 -0.34
N VAL C 117 21.71 16.20 0.03
CA VAL C 117 21.19 16.35 1.38
C VAL C 117 20.71 14.99 1.87
N VAL C 118 21.06 14.63 3.10
CA VAL C 118 20.61 13.37 3.66
C VAL C 118 19.10 13.55 3.88
N THR C 119 18.30 12.84 3.10
CA THR C 119 16.85 12.95 3.17
C THR C 119 16.20 11.77 3.91
N MET C 120 15.59 12.09 5.04
CA MET C 120 14.92 11.09 5.88
C MET C 120 13.50 10.84 5.40
N TRP C 121 13.36 10.38 4.16
CA TRP C 121 12.04 10.13 3.62
C TRP C 121 11.23 9.13 4.44
N GLY C 122 11.92 8.32 5.23
CA GLY C 122 11.25 7.34 6.05
C GLY C 122 10.18 7.92 6.97
N ARG C 123 10.31 9.18 7.34
CA ARG C 123 9.32 9.80 8.22
C ARG C 123 7.93 9.76 7.61
N TYR C 124 7.85 9.94 6.29
CA TYR C 124 6.56 9.94 5.61
C TYR C 124 5.86 8.60 5.67
N LEU C 125 6.63 7.54 5.94
CA LEU C 125 6.05 6.21 6.06
C LEU C 125 5.51 6.13 7.48
N THR C 126 6.23 6.72 8.41
CA THR C 126 5.77 6.74 9.78
C THR C 126 4.40 7.40 9.75
N TRP C 127 4.32 8.55 9.08
CA TRP C 127 3.07 9.31 9.03
C TRP C 127 1.93 8.65 8.24
N ALA C 128 2.25 8.05 7.10
CA ALA C 128 1.22 7.41 6.30
C ALA C 128 0.52 6.25 7.02
N LEU C 129 1.29 5.49 7.79
CA LEU C 129 0.77 4.33 8.52
C LEU C 129 0.23 4.65 9.92
N SER C 130 0.79 5.65 10.57
CA SER C 130 0.35 6.00 11.92
C SER C 130 -0.83 6.96 11.98
N THR C 131 -0.78 8.05 11.19
CA THR C 131 -1.86 9.04 11.20
C THR C 131 -3.25 8.43 10.97
N PRO C 132 -3.36 7.41 10.09
CA PRO C 132 -4.69 6.84 9.89
C PRO C 132 -5.22 6.20 11.17
N MET C 133 -4.30 5.65 11.96
CA MET C 133 -4.67 4.98 13.22
C MET C 133 -5.11 6.00 14.26
N ILE C 134 -4.43 7.14 14.28
CA ILE C 134 -4.78 8.22 15.21
C ILE C 134 -6.21 8.65 14.86
N LEU C 135 -6.44 8.86 13.57
CA LEU C 135 -7.74 9.28 13.06
C LEU C 135 -8.83 8.24 13.33
N LEU C 136 -8.48 6.98 13.18
CA LEU C 136 -9.44 5.92 13.42
C LEU C 136 -9.85 5.94 14.90
N ALA C 137 -8.86 6.14 15.76
CA ALA C 137 -9.10 6.20 17.21
C ALA C 137 -9.97 7.40 17.57
N LEU C 138 -9.60 8.57 17.06
CA LEU C 138 -10.37 9.78 17.34
C LEU C 138 -11.79 9.72 16.77
N GLY C 139 -11.91 9.20 15.55
CA GLY C 139 -13.22 9.08 14.91
C GLY C 139 -14.16 8.18 15.70
N LEU C 140 -13.65 7.01 16.08
CA LEU C 140 -14.44 6.06 16.86
C LEU C 140 -14.85 6.71 18.19
N LEU C 141 -13.89 7.36 18.83
CA LEU C 141 -14.14 8.04 20.09
C LEU C 141 -15.26 9.09 19.97
N ALA C 142 -15.27 9.81 18.85
CA ALA C 142 -16.27 10.83 18.63
C ALA C 142 -17.60 10.29 18.12
N GLY C 143 -17.68 8.98 17.91
CA GLY C 143 -18.91 8.39 17.40
C GLY C 143 -19.19 8.77 15.96
N SER C 144 -18.14 8.82 15.15
CA SER C 144 -18.23 9.18 13.74
C SER C 144 -18.87 8.11 12.85
N ASN C 145 -19.66 8.51 11.87
CA ASN C 145 -20.23 7.50 10.97
C ASN C 145 -19.10 7.07 10.02
N ALA C 146 -19.36 6.11 9.15
CA ALA C 146 -18.34 5.62 8.23
C ALA C 146 -17.91 6.62 7.14
N THR C 147 -18.82 7.47 6.71
CA THR C 147 -18.48 8.42 5.66
C THR C 147 -17.36 9.36 6.09
N LYS C 148 -17.49 9.91 7.29
CA LYS C 148 -16.48 10.84 7.81
C LYS C 148 -15.17 10.12 8.09
N LEU C 149 -15.23 8.88 8.57
CA LEU C 149 -14.00 8.12 8.82
C LEU C 149 -13.26 7.89 7.51
N PHE C 150 -14.02 7.52 6.48
CA PHE C 150 -13.47 7.26 5.16
C PHE C 150 -12.86 8.54 4.56
N THR C 151 -13.59 9.64 4.69
CA THR C 151 -13.12 10.93 4.18
C THR C 151 -11.83 11.39 4.86
N ALA C 152 -11.84 11.38 6.19
CA ALA C 152 -10.67 11.79 6.97
C ALA C 152 -9.43 10.96 6.65
N ILE C 153 -9.61 9.64 6.64
CA ILE C 153 -8.50 8.74 6.38
C ILE C 153 -7.94 8.78 4.94
N THR C 154 -8.81 8.81 3.93
CA THR C 154 -8.32 8.86 2.56
C THR C 154 -7.53 10.14 2.30
N PHE C 155 -8.07 11.27 2.73
CA PHE C 155 -7.37 12.54 2.50
C PHE C 155 -6.14 12.69 3.37
N ASP C 156 -6.11 12.01 4.52
CA ASP C 156 -4.96 12.05 5.40
C ASP C 156 -3.83 11.30 4.70
N ILE C 157 -4.19 10.19 4.07
CA ILE C 157 -3.19 9.37 3.37
C ILE C 157 -2.67 10.15 2.17
N ALA C 158 -3.58 10.81 1.45
CA ALA C 158 -3.20 11.59 0.29
C ALA C 158 -2.24 12.70 0.73
N MET C 159 -2.51 13.27 1.91
CA MET C 159 -1.67 14.33 2.47
C MET C 159 -0.25 13.84 2.70
N CYS C 160 -0.14 12.66 3.27
CA CYS C 160 1.18 12.07 3.58
C CYS C 160 1.95 11.65 2.34
N VAL C 161 1.26 11.00 1.41
CA VAL C 161 1.88 10.54 0.18
C VAL C 161 2.34 11.72 -0.68
N THR C 162 1.55 12.79 -0.75
CA THR C 162 1.97 13.93 -1.56
C THR C 162 3.12 14.67 -0.88
N GLY C 163 3.17 14.60 0.45
CA GLY C 163 4.24 15.24 1.19
C GLY C 163 5.53 14.51 0.86
N LEU C 164 5.46 13.19 0.81
CA LEU C 164 6.60 12.35 0.47
C LEU C 164 7.06 12.65 -0.97
N ALA C 165 6.11 12.79 -1.89
CA ALA C 165 6.42 13.08 -3.28
C ALA C 165 7.18 14.40 -3.39
N ALA C 166 6.77 15.38 -2.60
CA ALA C 166 7.44 16.67 -2.61
C ALA C 166 8.88 16.50 -2.16
N ALA C 167 9.08 15.76 -1.08
CA ALA C 167 10.42 15.53 -0.54
C ALA C 167 11.31 14.74 -1.51
N LEU C 168 10.68 13.93 -2.35
CA LEU C 168 11.38 13.10 -3.33
C LEU C 168 11.61 13.79 -4.69
N THR C 169 10.96 14.92 -4.91
CA THR C 169 11.11 15.62 -6.18
C THR C 169 12.40 16.46 -6.21
N THR C 170 13.26 16.18 -7.18
CA THR C 170 14.53 16.88 -7.32
C THR C 170 14.70 17.57 -8.67
N SER C 171 13.73 17.36 -9.55
CA SER C 171 13.78 17.94 -10.90
C SER C 171 13.43 19.41 -10.99
N SER C 172 12.60 19.89 -10.06
CA SER C 172 12.13 21.28 -10.11
C SER C 172 11.74 21.82 -8.74
N HIS C 173 12.28 22.98 -8.38
CA HIS C 173 11.98 23.61 -7.10
C HIS C 173 10.48 23.95 -7.03
N LEU C 174 9.96 24.51 -8.10
CA LEU C 174 8.55 24.86 -8.19
C LEU C 174 7.63 23.65 -7.97
N MET C 175 8.01 22.50 -8.53
CA MET C 175 7.21 21.28 -8.38
C MET C 175 7.15 20.82 -6.93
N ARG C 176 8.24 20.98 -6.21
CA ARG C 176 8.29 20.59 -4.80
C ARG C 176 7.20 21.33 -4.03
N TRP C 177 7.05 22.62 -4.32
CA TRP C 177 6.06 23.44 -3.64
C TRP C 177 4.63 23.25 -4.16
N PHE C 178 4.49 22.70 -5.37
CA PHE C 178 3.16 22.46 -5.89
C PHE C 178 2.65 21.24 -5.12
N TRP C 179 3.55 20.26 -4.93
CA TRP C 179 3.23 19.06 -4.16
C TRP C 179 2.79 19.47 -2.76
N TYR C 180 3.58 20.36 -2.16
CA TYR C 180 3.34 20.87 -0.82
C TYR C 180 1.94 21.50 -0.72
N ALA C 181 1.53 22.21 -1.77
CA ALA C 181 0.21 22.84 -1.80
C ALA C 181 -0.94 21.84 -1.86
N ILE C 182 -0.76 20.78 -2.64
CA ILE C 182 -1.79 19.74 -2.75
C ILE C 182 -1.92 19.07 -1.37
N SER C 183 -0.78 18.78 -0.75
CA SER C 183 -0.78 18.15 0.57
C SER C 183 -1.51 19.03 1.59
N CYS C 184 -1.30 20.34 1.51
CA CYS C 184 -1.96 21.26 2.43
C CYS C 184 -3.47 21.24 2.23
N ALA C 185 -3.91 21.18 0.99
CA ALA C 185 -5.33 21.14 0.67
C ALA C 185 -5.97 19.89 1.30
N CYS C 186 -5.26 18.78 1.22
CA CYS C 186 -5.75 17.54 1.82
C CYS C 186 -5.78 17.71 3.34
N PHE C 187 -4.76 18.39 3.88
CA PHE C 187 -4.66 18.64 5.31
C PHE C 187 -5.90 19.36 5.81
N ILE C 188 -6.30 20.39 5.07
CA ILE C 188 -7.47 21.20 5.40
C ILE C 188 -8.73 20.35 5.55
N VAL C 189 -8.89 19.35 4.69
CA VAL C 189 -10.05 18.45 4.77
C VAL C 189 -10.06 17.73 6.10
N VAL C 190 -8.89 17.20 6.49
CA VAL C 190 -8.76 16.49 7.76
C VAL C 190 -9.05 17.43 8.93
N LEU C 191 -8.58 18.66 8.81
CA LEU C 191 -8.77 19.65 9.86
C LEU C 191 -10.25 19.97 10.06
N TYR C 192 -10.96 20.14 8.94
CA TYR C 192 -12.38 20.45 8.99
C TYR C 192 -13.18 19.35 9.70
N ILE C 193 -12.80 18.10 9.47
CA ILE C 193 -13.49 16.98 10.10
C ILE C 193 -13.20 16.93 11.61
N LEU C 194 -11.95 17.20 11.97
CA LEU C 194 -11.55 17.21 13.38
C LEU C 194 -12.20 18.37 14.13
N LEU C 195 -12.09 19.56 13.55
CA LEU C 195 -12.61 20.78 14.15
C LEU C 195 -14.12 20.98 14.09
N VAL C 196 -14.73 20.63 12.96
CA VAL C 196 -16.17 20.85 12.80
C VAL C 196 -17.07 19.63 12.90
N GLU C 197 -16.76 18.57 12.16
CA GLU C 197 -17.60 17.38 12.16
C GLU C 197 -17.55 16.53 13.43
N TRP C 198 -16.36 16.02 13.76
CA TRP C 198 -16.23 15.17 14.92
C TRP C 198 -16.46 15.89 16.24
N ALA C 199 -16.22 17.19 16.26
CA ALA C 199 -16.45 17.98 17.46
C ALA C 199 -17.92 17.87 17.80
N GLN C 200 -18.76 17.91 16.76
CA GLN C 200 -20.21 17.81 16.92
C GLN C 200 -20.64 16.37 17.24
N ASP C 201 -20.08 15.40 16.52
CA ASP C 201 -20.42 14.00 16.74
C ASP C 201 -20.11 13.53 18.16
N ALA C 202 -19.05 14.07 18.75
CA ALA C 202 -18.64 13.70 20.11
C ALA C 202 -19.72 14.04 21.15
N LYS C 203 -20.51 15.07 20.87
CA LYS C 203 -21.57 15.46 21.79
C LYS C 203 -22.59 14.32 21.89
N ALA C 204 -23.00 13.79 20.73
CA ALA C 204 -23.95 12.69 20.69
C ALA C 204 -23.32 11.42 21.28
N ALA C 205 -21.99 11.32 21.19
CA ALA C 205 -21.29 10.15 21.71
C ALA C 205 -21.02 10.24 23.23
N GLY C 206 -21.22 11.42 23.80
CA GLY C 206 -20.98 11.57 25.24
C GLY C 206 -19.50 11.65 25.58
N THR C 207 -18.68 12.04 24.61
CA THR C 207 -17.23 12.16 24.80
C THR C 207 -16.75 13.54 24.35
N ALA C 208 -17.61 14.54 24.42
CA ALA C 208 -17.26 15.89 23.99
C ALA C 208 -16.06 16.51 24.71
N ASP C 209 -15.94 16.24 26.01
CA ASP C 209 -14.84 16.79 26.79
C ASP C 209 -13.47 16.22 26.47
N ILE C 210 -13.31 14.90 26.54
CA ILE C 210 -12.01 14.31 26.22
C ILE C 210 -11.68 14.56 24.76
N PHE C 211 -12.69 14.60 23.90
CA PHE C 211 -12.46 14.84 22.48
C PHE C 211 -11.91 16.23 22.24
N SER C 212 -12.44 17.23 22.94
CA SER C 212 -11.97 18.60 22.79
C SER C 212 -10.49 18.70 23.12
N THR C 213 -10.08 18.03 24.19
CA THR C 213 -8.70 18.04 24.64
C THR C 213 -7.79 17.41 23.59
N LEU C 214 -8.11 16.18 23.20
CA LEU C 214 -7.34 15.46 22.20
C LEU C 214 -7.37 16.17 20.85
N LYS C 215 -8.51 16.80 20.55
CA LYS C 215 -8.69 17.55 19.31
C LYS C 215 -7.76 18.76 19.28
N LEU C 216 -7.70 19.49 20.39
CA LEU C 216 -6.86 20.69 20.46
C LEU C 216 -5.40 20.27 20.33
N LEU C 217 -5.00 19.23 21.06
CA LEU C 217 -3.64 18.73 21.02
C LEU C 217 -3.26 18.29 19.61
N THR C 218 -4.17 17.58 18.95
CA THR C 218 -3.94 17.09 17.59
C THR C 218 -3.79 18.23 16.57
N VAL C 219 -4.70 19.18 16.60
CA VAL C 219 -4.64 20.28 15.66
C VAL C 219 -3.36 21.13 15.77
N VAL C 220 -3.03 21.55 16.99
CA VAL C 220 -1.82 22.35 17.19
C VAL C 220 -0.55 21.59 16.79
N MET C 221 -0.45 20.33 17.20
CA MET C 221 0.73 19.54 16.86
C MET C 221 0.82 19.26 15.36
N TRP C 222 -0.29 18.84 14.75
CA TRP C 222 -0.29 18.55 13.32
C TRP C 222 0.06 19.80 12.50
N LEU C 223 -0.43 20.96 12.92
CA LEU C 223 -0.12 22.20 12.20
C LEU C 223 1.39 22.46 12.21
N GLY C 224 2.07 21.85 13.18
CA GLY C 224 3.51 22.03 13.27
C GLY C 224 4.33 21.34 12.20
N TYR C 225 3.87 20.20 11.71
CA TYR C 225 4.62 19.47 10.69
C TYR C 225 4.86 20.25 9.40
N PRO C 226 3.81 20.81 8.81
CA PRO C 226 4.08 21.56 7.56
C PRO C 226 4.95 22.81 7.81
N ILE C 227 4.95 23.30 9.04
CA ILE C 227 5.77 24.47 9.38
C ILE C 227 7.24 24.02 9.41
N VAL C 228 7.51 22.90 10.05
CA VAL C 228 8.85 22.36 10.14
C VAL C 228 9.37 22.02 8.74
N TRP C 229 8.47 21.52 7.89
CA TRP C 229 8.80 21.15 6.53
C TRP C 229 9.30 22.40 5.79
N ALA C 230 8.51 23.46 5.85
CA ALA C 230 8.84 24.72 5.19
C ALA C 230 10.13 25.35 5.70
N LEU C 231 10.44 25.16 6.98
CA LEU C 231 11.64 25.73 7.59
C LEU C 231 12.86 24.83 7.54
N GLY C 232 12.64 23.51 7.56
CA GLY C 232 13.75 22.57 7.51
C GLY C 232 14.44 22.50 6.16
N VAL C 233 15.31 21.51 6.00
CA VAL C 233 16.06 21.32 4.76
C VAL C 233 15.20 21.04 3.53
N GLU C 234 14.02 20.48 3.76
CA GLU C 234 13.09 20.18 2.68
C GLU C 234 12.54 21.49 2.11
N GLY C 235 12.44 22.49 2.98
CA GLY C 235 11.91 23.79 2.57
C GLY C 235 12.98 24.83 2.30
N VAL C 236 12.98 25.92 3.06
CA VAL C 236 13.97 26.98 2.86
C VAL C 236 15.26 26.71 3.61
N ALA C 237 15.28 25.63 4.40
CA ALA C 237 16.48 25.23 5.12
C ALA C 237 17.07 26.18 6.16
N VAL C 238 16.23 26.89 6.91
CA VAL C 238 16.76 27.77 7.95
C VAL C 238 17.17 26.83 9.08
N LEU C 239 16.56 25.64 9.09
CA LEU C 239 16.84 24.62 10.08
C LEU C 239 17.72 23.55 9.45
N PRO C 240 18.90 23.28 10.03
CA PRO C 240 19.80 22.26 9.49
C PRO C 240 19.17 20.87 9.58
N VAL C 241 19.68 19.93 8.80
CA VAL C 241 19.14 18.57 8.79
C VAL C 241 18.96 18.01 10.20
N GLY C 242 19.84 18.38 11.11
CA GLY C 242 19.76 17.89 12.47
C GLY C 242 18.62 18.49 13.27
N TYR C 243 18.42 19.80 13.12
CA TYR C 243 17.36 20.50 13.83
C TYR C 243 15.99 20.18 13.25
N THR C 244 15.95 19.91 11.94
CA THR C 244 14.70 19.58 11.29
C THR C 244 14.22 18.27 11.89
N SER C 245 15.14 17.34 12.07
CA SER C 245 14.82 16.05 12.63
C SER C 245 14.35 16.12 14.07
N TRP C 246 15.00 16.94 14.89
CA TRP C 246 14.58 17.04 16.28
C TRP C 246 13.24 17.73 16.40
N ALA C 247 12.94 18.64 15.48
CA ALA C 247 11.66 19.34 15.50
C ALA C 247 10.57 18.30 15.25
N TYR C 248 10.76 17.46 14.24
CA TYR C 248 9.80 16.41 13.92
C TYR C 248 9.67 15.44 15.08
N SER C 249 10.81 15.03 15.65
CA SER C 249 10.82 14.08 16.74
C SER C 249 10.10 14.58 17.99
N ALA C 250 10.21 15.87 18.28
CA ALA C 250 9.53 16.45 19.42
C ALA C 250 8.03 16.40 19.16
N LEU C 251 7.64 16.81 17.96
CA LEU C 251 6.24 16.81 17.54
C LEU C 251 5.63 15.40 17.66
N ASP C 252 6.41 14.38 17.27
CA ASP C 252 5.93 13.01 17.35
C ASP C 252 5.67 12.59 18.79
N ILE C 253 6.53 13.02 19.70
CA ILE C 253 6.38 12.68 21.11
C ILE C 253 5.05 13.15 21.65
N VAL C 254 4.67 14.37 21.28
CA VAL C 254 3.41 14.93 21.73
C VAL C 254 2.24 14.33 20.93
N ALA C 255 2.26 14.53 19.60
CA ALA C 255 1.19 14.03 18.74
C ALA C 255 0.95 12.53 18.84
N LYS C 256 1.98 11.77 19.19
CA LYS C 256 1.85 10.33 19.30
C LYS C 256 1.83 9.76 20.71
N TYR C 257 2.95 9.87 21.42
CA TYR C 257 3.04 9.29 22.75
C TYR C 257 2.15 9.90 23.83
N ILE C 258 2.16 11.22 24.02
CA ILE C 258 1.30 11.76 25.06
C ILE C 258 -0.16 11.72 24.61
N PHE C 259 -0.42 12.01 23.34
CA PHE C 259 -1.77 11.97 22.82
C PHE C 259 -2.38 10.60 23.11
N ALA C 260 -1.60 9.56 22.81
CA ALA C 260 -2.06 8.21 23.02
C ALA C 260 -2.33 7.94 24.49
N PHE C 261 -1.44 8.42 25.36
CA PHE C 261 -1.60 8.23 26.79
C PHE C 261 -2.87 8.90 27.30
N LEU C 262 -3.10 10.14 26.89
CA LEU C 262 -4.28 10.86 27.32
C LEU C 262 -5.55 10.12 26.88
N LEU C 263 -5.58 9.69 25.63
CA LEU C 263 -6.75 8.97 25.12
C LEU C 263 -6.98 7.67 25.87
N LEU C 264 -5.91 6.90 26.04
CA LEU C 264 -6.00 5.63 26.75
C LEU C 264 -6.33 5.83 28.22
N ASN C 265 -5.75 6.87 28.83
CA ASN C 265 -6.02 7.15 30.24
C ASN C 265 -7.53 7.37 30.42
N TYR C 266 -8.16 7.98 29.42
CA TYR C 266 -9.59 8.24 29.46
C TYR C 266 -10.38 6.95 29.23
N LEU C 267 -10.07 6.28 28.12
CA LEU C 267 -10.75 5.05 27.74
C LEU C 267 -10.82 4.06 28.90
N THR C 268 -9.69 3.86 29.56
CA THR C 268 -9.58 2.92 30.67
C THR C 268 -10.41 3.29 31.90
N SER C 269 -10.94 4.52 31.95
CA SER C 269 -11.76 4.96 33.08
C SER C 269 -13.20 5.15 32.65
N ASN C 270 -13.44 5.10 31.35
CA ASN C 270 -14.79 5.32 30.81
C ASN C 270 -15.18 4.28 29.79
N GLU C 271 -14.79 3.02 30.00
CA GLU C 271 -15.12 1.96 29.06
C GLU C 271 -16.61 1.90 28.78
N GLY C 272 -17.41 2.32 29.76
CA GLY C 272 -18.86 2.30 29.59
C GLY C 272 -19.37 3.33 28.59
N VAL C 273 -18.79 4.52 28.60
CA VAL C 273 -19.21 5.59 27.70
C VAL C 273 -19.06 5.24 26.22
N VAL C 274 -17.91 4.67 25.84
CA VAL C 274 -17.67 4.32 24.43
C VAL C 274 -18.21 2.95 24.01
N SER C 275 -18.58 2.11 24.97
CA SER C 275 -19.09 0.79 24.64
C SER C 275 -20.40 0.86 23.86
N GLY C 276 -20.29 0.97 22.54
CA GLY C 276 -21.47 1.05 21.70
C GLY C 276 -21.49 0.00 20.60
N SER C 277 -21.73 0.44 19.37
CA SER C 277 -21.79 -0.46 18.22
C SER C 277 -20.65 -0.15 17.25
C1 RET D . -3.69 -2.84 -18.32
C2 RET D . -2.63 -3.85 -18.91
C3 RET D . -2.85 -5.28 -18.74
C4 RET D . -4.28 -5.73 -19.03
C5 RET D . -5.38 -4.81 -18.53
C6 RET D . -5.17 -3.46 -18.19
C7 RET D . -6.41 -2.65 -17.71
C8 RET D . -6.48 -1.36 -17.29
C9 RET D . -7.66 -0.58 -17.01
C10 RET D . -7.44 0.70 -16.56
C11 RET D . -8.41 1.73 -16.25
C12 RET D . -7.99 2.92 -15.81
C13 RET D . -8.84 4.08 -15.47
C14 RET D . -8.16 5.10 -14.90
C15 RET D . -8.60 6.34 -14.28
C16 RET D . -3.09 -2.48 -16.94
C17 RET D . -3.60 -1.61 -19.24
C18 RET D . -6.72 -5.55 -18.49
C19 RET D . -9.05 -1.14 -17.24
C20 RET D . -10.34 4.06 -15.64
C1 BNG E . 9.44 -14.20 -27.75
C2 BNG E . 10.75 -13.35 -27.46
C3 BNG E . 12.00 -14.12 -28.01
C4 BNG E . 12.09 -15.51 -27.28
C5 BNG E . 10.78 -16.34 -27.56
C6 BNG E . 10.83 -17.71 -26.84
C1' BNG E . 6.99 -14.18 -27.47
C2' BNG E . 5.84 -13.23 -27.10
C3' BNG E . 4.49 -13.91 -27.33
C4' BNG E . 3.39 -13.28 -26.51
C5' BNG E . 2.02 -13.52 -27.14
C6' BNG E . 0.92 -12.94 -26.28
C7' BNG E . -0.46 -13.18 -26.89
C8' BNG E . -1.51 -12.33 -26.21
C9' BNG E . -2.89 -12.71 -26.68
O1 BNG E . 8.25 -13.49 -27.25
O2 BNG E . 10.62 -12.07 -28.09
O3 BNG E . 13.18 -13.36 -27.74
O4 BNG E . 13.22 -16.24 -27.74
O5 BNG E . 9.60 -15.56 -27.10
O6 BNG E . 10.65 -17.56 -25.43
C1 BNG F . 8.06 -11.66 -32.61
C2 BNG F . 9.42 -10.88 -32.83
C3 BNG F . 10.43 -11.80 -33.60
C4 BNG F . 10.68 -13.09 -32.74
C5 BNG F . 9.32 -13.85 -32.51
C6 BNG F . 9.53 -15.12 -31.66
C1' BNG F . 5.81 -11.37 -31.60
C2' BNG F . 5.17 -10.60 -30.45
C3' BNG F . 3.80 -11.15 -30.11
C4' BNG F . 3.00 -10.17 -29.27
C5' BNG F . 1.59 -10.01 -29.81
C6' BNG F . 0.58 -9.83 -28.68
C7' BNG F . -0.83 -9.66 -29.20
C8' BNG F . -1.49 -8.43 -28.60
C9' BNG F . -2.70 -8.82 -27.79
O1 BNG F . 7.11 -10.80 -31.88
O2 BNG F . 9.17 -9.69 -33.58
O3 BNG F . 11.65 -11.11 -33.80
O4 BNG F . 11.60 -13.96 -33.40
O5 BNG F . 8.35 -12.93 -31.84
O6 BNG F . 8.32 -15.85 -31.50
C1 BNG G . 11.68 25.83 -15.70
C2 BNG G . 12.79 26.61 -14.87
C3 BNG G . 14.05 26.84 -15.78
C4 BNG G . 14.60 25.45 -16.24
C5 BNG G . 13.49 24.67 -17.05
C6 BNG G . 13.99 23.28 -17.50
C1' BNG G . 9.39 24.92 -15.45
C2' BNG G . 8.16 25.14 -14.58
C3' BNG G . 6.93 24.43 -15.15
C4' BNG G . 6.28 23.54 -14.11
C5' BNG G . 4.86 23.99 -13.81
C6' BNG G . 4.35 23.35 -12.53
C7' BNG G . 2.93 23.79 -12.21
C8' BNG G . 2.03 22.58 -12.05
C9' BNG G . 0.62 22.92 -12.46
O1 BNG G . 10.51 25.61 -14.85
O2 BNG G . 12.25 27.86 -14.42
O3 BNG G . 15.05 27.54 -15.04
O4 BNG G . 15.75 25.61 -17.05
O5 BNG G . 12.27 24.53 -16.19
O6 BNG G . 14.22 22.42 -16.38
C1 RET H . 9.42 -13.61 8.79
C2 RET H . 10.79 -13.02 9.30
C3 RET H . 10.88 -12.46 10.65
C4 RET H . 10.05 -13.13 11.73
C5 RET H . 8.74 -13.77 11.29
C6 RET H . 8.38 -14.03 9.95
C7 RET H . 7.01 -14.71 9.71
C8 RET H . 6.40 -15.04 8.56
C9 RET H . 5.18 -15.84 8.36
C10 RET H . 4.76 -15.98 7.06
C11 RET H . 3.62 -16.72 6.56
C12 RET H . 3.39 -16.72 5.24
C13 RET H . 2.30 -17.40 4.51
C14 RET H . 2.28 -17.16 3.17
C15 RET H . 1.33 -17.53 2.12
C16 RET H . 8.88 -12.50 7.90
C17 RET H . 9.87 -14.78 7.88
C18 RET H . 7.86 -14.10 12.51
C19 RET H . 4.48 -16.52 9.53
C20 RET H . 1.24 -18.23 5.21
C1 22B I . -16.94 -17.53 -6.43
C2 22B I . -17.45 -16.32 -7.39
C3 22B I . -16.23 -15.51 -8.13
C4 22B I . -15.19 -15.80 -8.98
C5 22B I . -13.86 -15.17 -9.11
C6 22B I . -13.09 -15.71 -10.09
C7 22B I . -11.74 -15.34 -10.50
C8 22B I . -11.02 -15.92 -11.49
C9 22B I . -9.64 -15.48 -11.85
C10 22B I . -8.84 -16.44 -12.41
C11 22B I . -7.44 -16.28 -12.84
C12 22B I . -6.75 -17.30 -13.34
C13 22B I . -5.35 -17.27 -13.81
C14 22B I . -4.96 -18.49 -14.25
C15 22B I . -3.70 -19.04 -14.81
C16 22B I . -15.97 -17.16 -5.23
C17 22B I . -18.15 -18.27 -5.76
C18 22B I . -13.43 -13.97 -8.21
C19 22B I . -9.15 -13.98 -11.62
C20 22B I . -4.43 -16.00 -13.79
C21 22B I . -18.22 -15.17 -6.58
C22 22B I . -18.77 -13.98 -7.52
C23 22B I . -19.34 -12.59 -7.01
C24 22B I . -19.35 -12.32 -5.48
C25 22B I . -18.57 -11.43 -7.69
O26 22B I . -16.27 -18.52 -7.21
O27 22B I . -20.79 -12.55 -7.50
C1 BNG J . 14.32 -17.59 -22.89
C2 BNG J . 14.60 -16.90 -24.29
C3 BNG J . 16.13 -16.95 -24.61
C4 BNG J . 16.89 -16.17 -23.47
C5 BNG J . 16.60 -16.85 -22.06
C6 BNG J . 17.31 -16.10 -20.92
C1' BNG J . 12.46 -18.13 -21.34
C2' BNG J . 10.94 -18.03 -21.25
C3' BNG J . 10.42 -18.63 -19.95
C4' BNG J . 9.19 -17.89 -19.46
C5' BNG J . 8.21 -18.82 -18.78
C6' BNG J . 7.06 -18.05 -18.14
C7' BNG J . 6.08 -18.99 -17.45
C8' BNG J . 4.65 -18.55 -17.71
C9' BNG J . 3.74 -19.75 -17.80
O1 BNG J . 12.88 -17.55 -22.60
O2 BNG J . 13.86 -17.60 -25.31
O3 BNG J . 16.39 -16.33 -25.86
O4 BNG J . 18.29 -16.18 -23.71
O5 BNG J . 15.12 -16.86 -21.84
O6 BNG J . 17.02 -14.72 -20.93
C1 RET K . 3.79 17.62 5.31
C2 RET K . 4.37 18.44 4.08
C3 RET K . 3.45 19.07 3.14
C4 RET K . 2.23 19.73 3.74
C5 RET K . 1.63 19.02 4.96
C6 RET K . 2.30 18.05 5.74
C7 RET K . 1.53 17.47 6.95
C8 RET K . 1.88 16.52 7.83
C9 RET K . 1.21 16.15 9.09
C10 RET K . 1.80 15.14 9.80
C11 RET K . 1.44 14.56 11.07
C12 RET K . 2.15 13.52 11.55
C13 RET K . 1.89 12.74 12.75
C14 RET K . 2.75 11.69 12.95
C15 RET K . 2.77 10.65 13.97
C16 RET K . 3.85 16.17 4.81
C17 RET K . 4.85 17.80 6.42
C18 RET K . 0.20 19.50 5.18
C19 RET K . -0.02 16.88 9.58
C20 RET K . 0.73 13.02 13.68
C1 22B L . -18.66 17.40 0.05
C2 22B L . -17.82 17.48 1.45
C3 22B L . -16.21 17.35 1.24
C4 22B L . -15.25 18.03 0.53
C5 22B L . -13.84 17.67 0.29
C6 22B L . -13.16 18.60 -0.44
C7 22B L . -11.76 18.58 -0.84
C8 22B L . -11.13 19.54 -1.56
C9 22B L . -9.70 19.46 -1.95
C10 22B L . -9.35 20.20 -3.04
C11 22B L . -8.00 20.30 -3.65
C12 22B L . -7.84 21.07 -4.73
C13 22B L . -6.58 21.31 -5.48
C14 22B L . -6.81 22.13 -6.52
C15 22B L . -5.98 22.71 -7.59
C16 22B L . -18.49 16.09 -0.82
C17 22B L . -20.20 17.55 0.30
C18 22B L . -13.20 16.35 0.84
C19 22B L . -8.67 18.57 -1.13
C20 22B L . -5.18 20.68 -5.13
C21 22B L . -18.18 16.28 2.46
C22 22B L . -17.36 16.36 3.86
C23 22B L . -18.01 16.54 5.30
C24 22B L . -19.55 16.66 5.40
C25 22B L . -17.56 15.39 6.23
O26 22B L . -18.31 18.49 -0.79
O27 22B L . -17.42 17.85 5.86
#